data_2XA1
#
_entry.id   2XA1
#
_cell.length_a   81.149
_cell.length_b   63.705
_cell.length_c   90.584
_cell.angle_alpha   90.00
_cell.angle_beta   98.96
_cell.angle_gamma   90.00
#
_symmetry.space_group_name_H-M   'P 1 21 1'
#
loop_
_entity.id
_entity.type
_entity.pdbx_description
1 polymer 'TREHALOSE-SYNTHASE TRET'
2 water water
#
_entity_poly.entity_id   1
_entity_poly.type   'polypeptide(L)'
_entity_poly.pdbx_seq_one_letter_code
;(MSE)K(MSE)YEVKEFSSGKRKLEDYKSIIGEEEVSKIQEKAEKLKGRSFVHVNSTSFGGGVAEILHSLVPLLRSIGIE
ARWFVIEGPTEFFNVTKTFHNALQGNESLKLTEE(MSE)KELYLNVNRENSKFIDLSSFDYVLVHDPQPAALIEFYEKKS
PWLWRCHIDLSSPNREFWEFLRRFVEKYDRYIFHLPEYVQPELDRNKAVI(MSE)PPSIDPLSEKNVELKQTEILRILER
FDVDPEKPIITQVSRFDPWKGIFDVIEIYRKVKEKIPGVQLLLVGV(MSE)AHDDPEGWIYFEKTLRKIGEDYDVKVLTN
LIGVHAREVNAFQRASDVILQ(MSE)SIREGFGLTVTEA(MSE)WKGKPVIGRAVGGIKFQIVDGETGFLVRDANEAVEV
VLYLLKHPEVSKE(MSE)GAKAKERVRKNFIITKH(MSE)ERYLDILNSLGG
;
_entity_poly.pdbx_strand_id   A,B
#
# COMPACT_ATOMS: atom_id res chain seq x y z
N MSE A 3 -40.15 -1.80 -2.79
CA MSE A 3 -39.08 -0.78 -2.52
C MSE A 3 -38.24 -1.24 -1.33
O MSE A 3 -38.62 -1.02 -0.17
CB MSE A 3 -39.72 0.58 -2.21
CG MSE A 3 -38.72 1.73 -2.08
SE MSE A 3 -39.47 3.38 -1.38
CE MSE A 3 -40.28 4.08 -2.98
N TYR A 4 -37.11 -1.87 -1.61
CA TYR A 4 -36.23 -2.38 -0.57
C TYR A 4 -35.26 -1.34 -0.02
N GLU A 5 -34.58 -1.71 1.07
CA GLU A 5 -33.63 -0.83 1.73
C GLU A 5 -32.23 -1.44 1.77
N VAL A 6 -31.49 -1.15 2.84
CA VAL A 6 -30.13 -1.65 3.02
C VAL A 6 -29.77 -1.76 4.51
N ARG A 14 -17.12 1.94 6.74
CA ARG A 14 -16.75 3.22 6.16
C ARG A 14 -17.10 4.38 7.09
N LYS A 15 -16.30 4.56 8.14
CA LYS A 15 -16.53 5.60 9.14
C LYS A 15 -15.82 6.91 8.82
N LEU A 16 -16.17 7.97 9.55
CA LEU A 16 -15.53 9.25 9.34
C LEU A 16 -14.05 9.24 9.75
N GLU A 17 -13.73 8.64 10.89
CA GLU A 17 -12.34 8.62 11.33
C GLU A 17 -11.43 8.01 10.27
N ASP A 18 -11.99 7.16 9.43
CA ASP A 18 -11.25 6.50 8.37
C ASP A 18 -10.59 7.48 7.42
N TYR A 19 -11.04 8.74 7.46
CA TYR A 19 -10.48 9.76 6.58
C TYR A 19 -9.66 10.77 7.35
N LYS A 20 -9.60 10.60 8.67
CA LYS A 20 -8.86 11.50 9.55
C LYS A 20 -7.46 11.84 9.01
N SER A 21 -6.69 10.80 8.69
CA SER A 21 -5.34 10.96 8.19
C SER A 21 -5.26 11.71 6.87
N ILE A 22 -6.40 11.88 6.20
CA ILE A 22 -6.44 12.58 4.93
C ILE A 22 -6.79 14.05 5.07
N ILE A 23 -7.78 14.33 5.92
CA ILE A 23 -8.24 15.70 6.10
C ILE A 23 -7.74 16.46 7.34
N GLY A 24 -7.21 15.74 8.32
CA GLY A 24 -6.72 16.41 9.51
C GLY A 24 -7.84 16.68 10.49
N GLU A 25 -7.55 16.49 11.78
CA GLU A 25 -8.51 16.67 12.85
C GLU A 25 -9.39 17.92 12.73
N GLU A 26 -8.78 19.03 12.33
CA GLU A 26 -9.53 20.27 12.20
C GLU A 26 -10.73 20.10 11.27
N GLU A 27 -10.45 19.74 10.02
CA GLU A 27 -11.50 19.54 9.04
C GLU A 27 -12.49 18.52 9.59
N VAL A 28 -11.95 17.51 10.28
CA VAL A 28 -12.77 16.46 10.88
C VAL A 28 -13.69 17.06 11.94
N SER A 29 -13.27 18.18 12.51
CA SER A 29 -14.07 18.84 13.52
C SER A 29 -15.26 19.51 12.85
N LYS A 30 -15.02 20.53 12.02
CA LYS A 30 -16.10 21.24 11.34
C LYS A 30 -17.18 20.27 10.92
N ILE A 31 -16.77 19.09 10.46
CA ILE A 31 -17.73 18.09 10.04
C ILE A 31 -18.52 17.64 11.25
N GLN A 32 -17.83 17.07 12.24
CA GLN A 32 -18.49 16.60 13.46
C GLN A 32 -19.28 17.74 14.09
N GLU A 33 -18.75 18.95 13.94
CA GLU A 33 -19.38 20.15 14.47
C GLU A 33 -20.75 20.35 13.83
N LYS A 34 -20.76 20.55 12.53
CA LYS A 34 -21.99 20.78 11.81
C LYS A 34 -22.96 19.61 11.94
N ALA A 35 -22.42 18.43 12.21
CA ALA A 35 -23.21 17.21 12.34
C ALA A 35 -23.95 17.09 13.66
N GLU A 36 -23.80 18.07 14.53
CA GLU A 36 -24.43 18.05 15.85
C GLU A 36 -25.83 18.68 15.84
N LYS A 37 -25.94 19.83 15.20
CA LYS A 37 -27.19 20.58 15.17
C LYS A 37 -28.16 19.85 14.25
N LEU A 38 -27.84 18.60 13.94
CA LEU A 38 -28.64 17.79 13.04
C LEU A 38 -28.69 16.35 13.51
N LYS A 39 -27.91 16.05 14.54
CA LYS A 39 -27.86 14.68 15.07
C LYS A 39 -29.25 14.09 15.32
N GLY A 40 -29.33 12.76 15.21
CA GLY A 40 -30.58 12.06 15.45
C GLY A 40 -31.64 12.11 14.36
N ARG A 41 -31.71 13.20 13.60
CA ARG A 41 -32.70 13.34 12.53
C ARG A 41 -32.60 12.28 11.44
N SER A 42 -33.60 12.22 10.56
CA SER A 42 -33.62 11.25 9.48
C SER A 42 -33.18 11.83 8.13
N PHE A 43 -32.33 11.08 7.44
CA PHE A 43 -31.81 11.47 6.15
C PHE A 43 -31.99 10.27 5.22
N VAL A 44 -33.10 10.26 4.50
CA VAL A 44 -33.38 9.16 3.59
C VAL A 44 -32.94 9.44 2.16
N HIS A 45 -32.51 8.38 1.47
CA HIS A 45 -32.07 8.47 0.09
C HIS A 45 -32.87 7.49 -0.76
N VAL A 46 -33.29 7.91 -1.93
CA VAL A 46 -34.04 7.03 -2.81
C VAL A 46 -33.48 7.09 -4.22
N ASN A 47 -33.41 5.93 -4.88
CA ASN A 47 -32.92 5.86 -6.24
C ASN A 47 -33.37 4.55 -6.92
N SER A 48 -32.84 4.30 -8.11
CA SER A 48 -33.21 3.12 -8.88
C SER A 48 -32.40 1.85 -8.62
N THR A 49 -31.09 1.93 -8.82
CA THR A 49 -30.23 0.75 -8.61
C THR A 49 -29.57 0.73 -7.25
N SER A 50 -29.08 -0.45 -6.87
CA SER A 50 -28.39 -0.64 -5.60
C SER A 50 -26.98 -1.12 -5.87
N PHE A 51 -26.75 -1.59 -7.09
CA PHE A 51 -25.45 -2.10 -7.50
C PHE A 51 -24.95 -1.28 -8.69
N GLY A 52 -23.84 -0.58 -8.49
CA GLY A 52 -23.30 0.23 -9.57
C GLY A 52 -22.37 1.32 -9.10
N GLY A 53 -21.98 2.19 -10.02
CA GLY A 53 -21.10 3.28 -9.68
C GLY A 53 -21.91 4.56 -9.51
N GLY A 54 -21.22 5.68 -9.34
CA GLY A 54 -21.91 6.93 -9.17
C GLY A 54 -22.80 6.95 -7.94
N VAL A 55 -24.11 7.06 -8.15
CA VAL A 55 -25.05 7.11 -7.05
C VAL A 55 -24.83 5.95 -6.10
N ALA A 56 -25.06 4.75 -6.61
CA ALA A 56 -24.88 3.54 -5.82
C ALA A 56 -23.56 3.57 -5.07
N GLU A 57 -22.47 3.54 -5.83
CA GLU A 57 -21.12 3.56 -5.27
C GLU A 57 -20.95 4.61 -4.19
N ILE A 58 -21.47 5.82 -4.45
CA ILE A 58 -21.35 6.91 -3.49
C ILE A 58 -22.14 6.66 -2.22
N LEU A 59 -23.41 6.26 -2.38
CA LEU A 59 -24.24 5.99 -1.22
C LEU A 59 -23.59 4.95 -0.31
N HIS A 60 -23.16 3.84 -0.92
CA HIS A 60 -22.51 2.76 -0.20
C HIS A 60 -21.51 3.30 0.79
N SER A 61 -21.00 4.49 0.52
CA SER A 61 -20.02 5.10 1.41
C SER A 61 -20.62 6.28 2.16
N LEU A 62 -21.44 7.06 1.48
CA LEU A 62 -22.04 8.23 2.10
C LEU A 62 -22.97 7.91 3.25
N VAL A 63 -23.73 6.83 3.11
CA VAL A 63 -24.68 6.42 4.16
C VAL A 63 -23.97 6.12 5.48
N PRO A 64 -23.17 5.04 5.52
CA PRO A 64 -22.46 4.70 6.76
C PRO A 64 -21.75 5.93 7.29
N LEU A 65 -21.07 6.62 6.39
CA LEU A 65 -20.33 7.82 6.74
C LEU A 65 -21.22 8.83 7.46
N LEU A 66 -22.46 8.95 7.01
CA LEU A 66 -23.40 9.88 7.63
C LEU A 66 -23.75 9.47 9.05
N ARG A 67 -24.03 8.19 9.23
CA ARG A 67 -24.37 7.67 10.55
C ARG A 67 -23.22 7.97 11.50
N SER A 68 -22.00 7.67 11.07
CA SER A 68 -20.80 7.91 11.86
C SER A 68 -20.80 9.28 12.53
N ILE A 69 -21.37 10.27 11.87
CA ILE A 69 -21.44 11.62 12.44
C ILE A 69 -22.75 11.81 13.19
N GLY A 70 -23.40 10.69 13.49
CA GLY A 70 -24.65 10.72 14.23
C GLY A 70 -25.86 11.24 13.49
N ILE A 71 -26.28 10.50 12.46
CA ILE A 71 -27.44 10.88 11.67
C ILE A 71 -28.16 9.64 11.14
N GLU A 72 -29.43 9.51 11.53
CA GLU A 72 -30.23 8.37 11.11
C GLU A 72 -30.49 8.43 9.60
N ALA A 73 -29.43 8.20 8.83
CA ALA A 73 -29.52 8.22 7.37
C ALA A 73 -29.86 6.82 6.87
N ARG A 74 -30.79 6.72 5.93
CA ARG A 74 -31.16 5.42 5.40
C ARG A 74 -31.29 5.46 3.88
N TRP A 75 -31.08 4.31 3.23
CA TRP A 75 -31.15 4.23 1.78
C TRP A 75 -32.10 3.17 1.23
N PHE A 76 -33.13 3.63 0.52
CA PHE A 76 -34.13 2.75 -0.08
C PHE A 76 -33.99 2.80 -1.59
N VAL A 77 -34.41 1.73 -2.25
CA VAL A 77 -34.32 1.64 -3.70
C VAL A 77 -35.64 1.23 -4.35
N ILE A 78 -36.16 2.09 -5.21
CA ILE A 78 -37.39 1.81 -5.92
C ILE A 78 -37.12 0.59 -6.79
N GLU A 79 -38.18 -0.09 -7.21
CA GLU A 79 -38.02 -1.27 -8.03
C GLU A 79 -39.12 -1.33 -9.08
N GLY A 80 -38.80 -1.88 -10.24
CA GLY A 80 -39.77 -1.96 -11.31
C GLY A 80 -39.31 -2.92 -12.39
N PRO A 81 -40.16 -3.17 -13.40
CA PRO A 81 -39.82 -4.07 -14.49
C PRO A 81 -39.03 -3.37 -15.58
N THR A 82 -38.43 -4.16 -16.48
CA THR A 82 -37.62 -3.63 -17.58
C THR A 82 -38.32 -2.44 -18.23
N GLU A 83 -39.63 -2.59 -18.47
CA GLU A 83 -40.43 -1.55 -19.09
C GLU A 83 -40.21 -0.22 -18.40
N PHE A 84 -40.46 -0.19 -17.10
CA PHE A 84 -40.28 1.03 -16.32
C PHE A 84 -38.91 1.66 -16.56
N PHE A 85 -37.88 0.83 -16.63
CA PHE A 85 -36.52 1.31 -16.84
C PHE A 85 -36.23 1.75 -18.27
N ASN A 86 -36.77 1.02 -19.24
CA ASN A 86 -36.56 1.41 -20.62
C ASN A 86 -37.26 2.75 -20.83
N VAL A 87 -38.33 2.97 -20.07
CA VAL A 87 -39.07 4.23 -20.16
C VAL A 87 -38.18 5.33 -19.56
N THR A 88 -37.64 5.08 -18.37
CA THR A 88 -36.76 6.04 -17.71
C THR A 88 -35.48 6.20 -18.53
N LYS A 89 -35.04 5.12 -19.15
CA LYS A 89 -33.85 5.16 -19.97
C LYS A 89 -34.13 6.25 -21.00
N THR A 90 -35.36 6.26 -21.49
CA THR A 90 -35.79 7.24 -22.47
C THR A 90 -35.82 8.65 -21.88
N PHE A 91 -36.44 8.80 -20.70
CA PHE A 91 -36.51 10.11 -20.07
C PHE A 91 -35.11 10.67 -19.98
N HIS A 92 -34.19 9.83 -19.55
CA HIS A 92 -32.82 10.24 -19.39
C HIS A 92 -32.35 11.02 -20.62
N ASN A 93 -32.40 10.36 -21.77
CA ASN A 93 -31.96 10.98 -23.02
C ASN A 93 -32.87 12.12 -23.45
N ALA A 94 -34.16 11.98 -23.16
CA ALA A 94 -35.10 13.02 -23.53
C ALA A 94 -34.69 14.29 -22.80
N LEU A 95 -34.54 14.18 -21.48
CA LEU A 95 -34.13 15.31 -20.65
C LEU A 95 -32.76 15.82 -21.05
N GLN A 96 -32.07 15.06 -21.89
CA GLN A 96 -30.75 15.44 -22.37
C GLN A 96 -30.80 15.95 -23.82
N GLY A 97 -31.82 16.74 -24.13
CA GLY A 97 -31.95 17.34 -25.44
C GLY A 97 -32.43 16.54 -26.65
N ASN A 98 -32.38 15.21 -26.57
CA ASN A 98 -32.82 14.41 -27.71
C ASN A 98 -34.28 14.71 -28.06
N GLU A 99 -34.49 15.59 -29.04
CA GLU A 99 -35.82 15.99 -29.45
C GLU A 99 -36.60 14.92 -30.20
N SER A 100 -35.91 13.93 -30.73
CA SER A 100 -36.58 12.88 -31.49
C SER A 100 -37.37 11.89 -30.65
N LEU A 101 -37.27 11.99 -29.33
CA LEU A 101 -37.99 11.08 -28.46
C LEU A 101 -39.39 11.62 -28.19
N LYS A 102 -40.36 10.71 -28.11
CA LYS A 102 -41.75 11.09 -27.87
C LYS A 102 -42.29 10.46 -26.57
N LEU A 103 -42.96 11.28 -25.77
CA LEU A 103 -43.54 10.82 -24.50
C LEU A 103 -45.04 10.59 -24.69
N THR A 104 -45.45 9.33 -24.59
CA THR A 104 -46.85 8.95 -24.77
C THR A 104 -47.57 8.74 -23.45
N GLU A 105 -48.80 9.24 -23.36
CA GLU A 105 -49.59 9.09 -22.14
C GLU A 105 -49.46 7.67 -21.58
N GLU A 106 -49.49 6.69 -22.48
CA GLU A 106 -49.38 5.28 -22.10
C GLU A 106 -48.16 5.03 -21.20
N MSE A 107 -46.98 5.45 -21.66
CA MSE A 107 -45.77 5.27 -20.88
C MSE A 107 -45.77 6.24 -19.71
O MSE A 107 -45.09 6.04 -18.70
CB MSE A 107 -44.53 5.49 -21.76
CG MSE A 107 -44.56 6.79 -22.54
SE MSE A 107 -43.00 7.08 -23.69
CE MSE A 107 -43.32 5.68 -24.98
N LYS A 108 -46.56 7.31 -19.86
CA LYS A 108 -46.65 8.34 -18.83
C LYS A 108 -47.36 7.80 -17.59
N GLU A 109 -48.13 6.75 -17.77
CA GLU A 109 -48.86 6.13 -16.65
C GLU A 109 -47.90 5.20 -15.92
N LEU A 110 -47.31 4.28 -16.67
CA LEU A 110 -46.37 3.31 -16.11
C LEU A 110 -45.43 3.96 -15.11
N TYR A 111 -44.92 5.13 -15.48
CA TYR A 111 -44.01 5.86 -14.60
C TYR A 111 -44.72 6.16 -13.29
N LEU A 112 -45.90 6.77 -13.41
CA LEU A 112 -46.68 7.14 -12.24
C LEU A 112 -47.17 5.90 -11.47
N ASN A 113 -47.52 4.85 -12.21
CA ASN A 113 -47.98 3.61 -11.57
C ASN A 113 -46.83 3.00 -10.76
N VAL A 114 -45.69 2.78 -11.39
CA VAL A 114 -44.56 2.20 -10.68
C VAL A 114 -44.21 3.07 -9.48
N ASN A 115 -44.37 4.39 -9.61
CA ASN A 115 -44.09 5.26 -8.47
C ASN A 115 -45.10 4.93 -7.39
N ARG A 116 -46.34 4.66 -7.81
CA ARG A 116 -47.42 4.33 -6.88
C ARG A 116 -47.14 3.03 -6.14
N GLU A 117 -46.65 2.02 -6.86
CA GLU A 117 -46.36 0.73 -6.24
C GLU A 117 -45.28 0.86 -5.17
N ASN A 118 -44.11 1.41 -5.52
CA ASN A 118 -43.03 1.57 -4.56
C ASN A 118 -43.42 2.55 -3.45
N SER A 119 -44.35 3.46 -3.74
CA SER A 119 -44.79 4.43 -2.74
C SER A 119 -45.64 3.73 -1.69
N LYS A 120 -46.56 2.87 -2.14
CA LYS A 120 -47.42 2.12 -1.23
C LYS A 120 -46.55 1.20 -0.39
N PHE A 121 -45.85 1.76 0.57
CA PHE A 121 -44.97 0.99 1.43
C PHE A 121 -44.32 1.90 2.47
N ILE A 122 -42.99 1.99 2.42
CA ILE A 122 -42.26 2.82 3.35
C ILE A 122 -42.77 4.25 3.36
N ASP A 123 -43.26 4.70 4.51
CA ASP A 123 -43.78 6.05 4.66
C ASP A 123 -42.65 7.07 4.60
N LEU A 124 -42.18 7.33 3.38
CA LEU A 124 -41.09 8.27 3.15
C LEU A 124 -41.39 9.66 3.68
N SER A 125 -42.66 9.99 3.86
CA SER A 125 -43.06 11.32 4.34
C SER A 125 -42.83 11.53 5.82
N SER A 126 -42.58 10.44 6.55
CA SER A 126 -42.35 10.51 7.99
C SER A 126 -40.98 11.05 8.37
N PHE A 127 -39.96 10.67 7.61
CA PHE A 127 -38.59 11.10 7.89
C PHE A 127 -38.41 12.62 7.87
N ASP A 128 -37.44 13.09 8.65
CA ASP A 128 -37.16 14.52 8.76
C ASP A 128 -36.72 15.18 7.46
N TYR A 129 -35.93 14.46 6.68
CA TYR A 129 -35.43 14.96 5.41
C TYR A 129 -35.48 13.87 4.36
N VAL A 130 -35.93 14.22 3.16
CA VAL A 130 -36.02 13.28 2.06
C VAL A 130 -35.22 13.76 0.85
N LEU A 131 -34.51 12.84 0.22
CA LEU A 131 -33.72 13.18 -0.95
C LEU A 131 -33.91 12.10 -2.00
N VAL A 132 -34.38 12.52 -3.16
CA VAL A 132 -34.62 11.62 -4.27
C VAL A 132 -33.60 11.90 -5.36
N HIS A 133 -32.96 10.83 -5.85
CA HIS A 133 -31.95 10.94 -6.89
C HIS A 133 -32.48 10.71 -8.31
N ASP A 134 -32.37 11.73 -9.16
CA ASP A 134 -32.79 11.66 -10.55
C ASP A 134 -34.30 11.51 -10.83
N PRO A 135 -34.66 11.25 -12.10
CA PRO A 135 -36.06 11.07 -12.53
C PRO A 135 -36.91 9.91 -12.03
N GLN A 136 -36.44 8.68 -12.24
CA GLN A 136 -37.20 7.50 -11.88
C GLN A 136 -38.12 7.62 -10.66
N PRO A 137 -37.60 8.11 -9.52
CA PRO A 137 -38.47 8.23 -8.35
C PRO A 137 -38.91 9.67 -8.03
N ALA A 138 -38.82 10.55 -9.01
CA ALA A 138 -39.18 11.94 -8.76
C ALA A 138 -40.63 12.06 -8.36
N ALA A 139 -41.50 11.29 -9.02
CA ALA A 139 -42.93 11.31 -8.76
C ALA A 139 -43.37 10.86 -7.36
N LEU A 140 -42.44 10.34 -6.57
CA LEU A 140 -42.77 9.87 -5.22
C LEU A 140 -43.37 10.96 -4.32
N ILE A 141 -42.88 12.18 -4.47
CA ILE A 141 -43.30 13.30 -3.63
C ILE A 141 -44.78 13.56 -3.83
N GLU A 142 -45.39 12.78 -4.70
CA GLU A 142 -46.81 12.91 -5.00
C GLU A 142 -47.66 12.01 -4.11
N PHE A 143 -47.21 10.78 -3.92
CA PHE A 143 -47.95 9.81 -3.13
C PHE A 143 -47.81 9.90 -1.61
N TYR A 144 -47.34 11.04 -1.12
CA TYR A 144 -47.17 11.27 0.32
C TYR A 144 -47.51 12.73 0.63
N GLU A 145 -47.81 13.02 1.89
CA GLU A 145 -48.15 14.39 2.28
C GLU A 145 -46.92 15.02 2.94
N LYS A 146 -46.36 16.02 2.28
CA LYS A 146 -45.17 16.70 2.79
C LYS A 146 -45.30 17.27 4.19
N LYS A 147 -44.40 16.83 5.04
CA LYS A 147 -44.32 17.28 6.43
C LYS A 147 -42.88 17.76 6.57
N SER A 148 -41.98 16.96 6.01
CA SER A 148 -40.56 17.24 6.04
C SER A 148 -40.07 17.76 4.69
N PRO A 149 -38.90 18.42 4.66
CA PRO A 149 -38.38 18.95 3.39
C PRO A 149 -37.98 17.82 2.44
N TRP A 150 -38.15 18.07 1.15
CA TRP A 150 -37.79 17.10 0.13
C TRP A 150 -36.80 17.72 -0.83
N LEU A 151 -35.69 17.01 -1.04
CA LEU A 151 -34.65 17.48 -1.93
C LEU A 151 -34.51 16.59 -3.15
N TRP A 152 -34.29 17.23 -4.29
CA TRP A 152 -34.12 16.48 -5.53
C TRP A 152 -32.67 16.64 -6.00
N ARG A 153 -32.02 15.52 -6.20
CA ARG A 153 -30.64 15.51 -6.64
C ARG A 153 -30.66 15.09 -8.09
N CYS A 154 -30.20 15.97 -8.97
CA CYS A 154 -30.17 15.67 -10.39
C CYS A 154 -28.74 15.37 -10.80
N HIS A 155 -28.55 14.36 -11.63
CA HIS A 155 -27.20 14.02 -12.05
C HIS A 155 -27.00 14.27 -13.52
N ILE A 156 -28.10 14.41 -14.25
CA ILE A 156 -28.05 14.65 -15.68
C ILE A 156 -28.05 16.15 -15.94
N ASP A 157 -28.13 16.56 -17.21
CA ASP A 157 -28.13 17.98 -17.56
C ASP A 157 -29.47 18.51 -18.08
N LEU A 158 -30.05 19.47 -17.38
CA LEU A 158 -31.33 20.04 -17.81
C LEU A 158 -31.23 21.51 -18.23
N SER A 159 -30.33 21.78 -19.18
CA SER A 159 -30.15 23.13 -19.68
C SER A 159 -31.00 23.29 -20.93
N SER A 160 -31.36 22.15 -21.52
CA SER A 160 -32.15 22.13 -22.74
C SER A 160 -32.74 20.74 -22.93
N PRO A 161 -33.73 20.37 -22.12
CA PRO A 161 -34.39 19.06 -22.17
C PRO A 161 -35.54 19.00 -23.18
N ASN A 162 -35.88 17.78 -23.62
CA ASN A 162 -36.98 17.59 -24.55
C ASN A 162 -38.22 18.13 -23.83
N ARG A 163 -38.72 19.25 -24.31
CA ARG A 163 -39.88 19.92 -23.72
C ARG A 163 -41.05 19.06 -23.27
N GLU A 164 -41.59 18.22 -24.15
CA GLU A 164 -42.73 17.40 -23.73
C GLU A 164 -42.38 16.53 -22.52
N PHE A 165 -41.10 16.26 -22.33
CA PHE A 165 -40.68 15.45 -21.21
C PHE A 165 -40.49 16.29 -19.95
N TRP A 166 -39.75 17.40 -20.07
CA TRP A 166 -39.51 18.25 -18.91
C TRP A 166 -40.80 18.77 -18.27
N GLU A 167 -41.72 19.26 -19.10
CA GLU A 167 -42.97 19.80 -18.60
C GLU A 167 -43.74 18.78 -17.77
N PHE A 168 -43.54 17.51 -18.05
CA PHE A 168 -44.22 16.46 -17.28
C PHE A 168 -43.53 16.27 -15.95
N LEU A 169 -42.20 16.26 -15.97
CA LEU A 169 -41.42 16.06 -14.76
C LEU A 169 -41.49 17.23 -13.79
N ARG A 170 -41.34 18.46 -14.31
CA ARG A 170 -41.36 19.61 -13.43
C ARG A 170 -42.57 19.62 -12.50
N ARG A 171 -43.66 18.99 -12.93
CA ARG A 171 -44.87 18.93 -12.13
C ARG A 171 -44.53 18.32 -10.78
N PHE A 172 -43.49 17.49 -10.79
CA PHE A 172 -43.03 16.81 -9.58
C PHE A 172 -41.86 17.58 -8.97
N VAL A 173 -40.82 17.81 -9.76
CA VAL A 173 -39.64 18.52 -9.27
C VAL A 173 -39.98 19.88 -8.65
N GLU A 174 -40.86 20.64 -9.28
CA GLU A 174 -41.22 21.97 -8.77
C GLU A 174 -41.69 21.98 -7.32
N LYS A 175 -42.02 20.80 -6.80
CA LYS A 175 -42.48 20.67 -5.42
C LYS A 175 -41.34 20.69 -4.39
N TYR A 176 -40.37 19.79 -4.58
CA TYR A 176 -39.23 19.70 -3.67
C TYR A 176 -38.75 21.05 -3.18
N ASP A 177 -38.22 21.07 -1.96
CA ASP A 177 -37.72 22.30 -1.33
C ASP A 177 -36.41 22.74 -1.95
N ARG A 178 -35.67 21.78 -2.50
CA ARG A 178 -34.40 22.10 -3.12
C ARG A 178 -34.10 21.24 -4.33
N TYR A 179 -33.38 21.81 -5.27
CA TYR A 179 -32.97 21.13 -6.50
C TYR A 179 -31.45 21.19 -6.49
N ILE A 180 -30.79 20.04 -6.58
CA ILE A 180 -29.33 20.00 -6.55
C ILE A 180 -28.74 19.58 -7.90
N PHE A 181 -27.90 20.45 -8.46
CA PHE A 181 -27.26 20.20 -9.76
C PHE A 181 -25.74 20.12 -9.65
N HIS A 182 -25.11 19.36 -10.56
CA HIS A 182 -23.66 19.23 -10.56
C HIS A 182 -23.01 20.58 -10.78
N LEU A 183 -23.46 21.29 -11.82
CA LEU A 183 -22.93 22.62 -12.10
C LEU A 183 -23.98 23.55 -12.74
N PRO A 184 -23.67 24.84 -12.78
CA PRO A 184 -24.62 25.85 -13.28
C PRO A 184 -25.16 25.56 -14.68
N GLU A 185 -24.30 25.15 -15.61
CA GLU A 185 -24.70 24.97 -16.99
C GLU A 185 -25.57 23.72 -17.03
N TYR A 186 -26.13 23.34 -15.89
CA TYR A 186 -26.98 22.16 -15.81
C TYR A 186 -28.35 22.45 -15.21
N VAL A 187 -28.43 23.54 -14.46
CA VAL A 187 -29.69 23.93 -13.82
C VAL A 187 -30.79 24.20 -14.84
N GLN A 188 -32.03 23.97 -14.41
CA GLN A 188 -33.19 24.22 -15.25
C GLN A 188 -33.54 25.69 -15.08
N PRO A 189 -33.26 26.52 -16.10
CA PRO A 189 -33.54 27.96 -16.06
C PRO A 189 -34.94 28.33 -15.58
N GLU A 190 -35.93 27.52 -15.89
CA GLU A 190 -37.30 27.81 -15.47
C GLU A 190 -37.37 27.91 -13.96
N LEU A 191 -36.89 26.88 -13.26
CA LEU A 191 -36.90 26.81 -11.80
C LEU A 191 -36.33 28.04 -11.11
N ASP A 192 -36.69 28.21 -9.84
CA ASP A 192 -36.23 29.34 -9.05
C ASP A 192 -34.78 29.25 -8.60
N ARG A 193 -33.96 30.16 -9.10
CA ARG A 193 -32.52 30.20 -8.78
C ARG A 193 -32.27 30.27 -7.27
N ASN A 194 -33.34 30.32 -6.48
CA ASN A 194 -33.22 30.41 -5.03
C ASN A 194 -33.37 29.06 -4.33
N LYS A 195 -34.21 28.19 -4.89
CA LYS A 195 -34.42 26.88 -4.29
C LYS A 195 -33.48 25.87 -4.96
N ALA A 196 -32.59 26.39 -5.80
CA ALA A 196 -31.63 25.56 -6.51
C ALA A 196 -30.25 25.67 -5.87
N VAL A 197 -29.57 24.53 -5.78
CA VAL A 197 -28.24 24.49 -5.18
C VAL A 197 -27.26 23.77 -6.10
N ILE A 198 -26.02 24.25 -6.12
CA ILE A 198 -25.01 23.61 -6.95
C ILE A 198 -24.07 22.78 -6.10
N MSE A 199 -24.05 21.47 -6.37
CA MSE A 199 -23.21 20.55 -5.64
C MSE A 199 -22.55 19.57 -6.60
O MSE A 199 -23.20 18.67 -7.13
CB MSE A 199 -24.06 19.81 -4.62
CG MSE A 199 -23.30 18.84 -3.78
SE MSE A 199 -24.54 18.04 -2.58
CE MSE A 199 -24.10 19.03 -0.99
N PRO A 200 -21.25 19.76 -6.86
CA PRO A 200 -20.52 18.88 -7.77
C PRO A 200 -20.37 17.47 -7.22
N PRO A 201 -20.24 16.49 -8.13
CA PRO A 201 -20.08 15.11 -7.69
C PRO A 201 -18.67 15.00 -7.13
N SER A 202 -18.45 14.04 -6.24
CA SER A 202 -17.12 13.91 -5.65
C SER A 202 -16.51 12.53 -5.84
N ILE A 203 -15.22 12.43 -5.54
CA ILE A 203 -14.54 11.14 -5.61
C ILE A 203 -14.26 10.67 -4.18
N ASP A 204 -14.38 9.37 -3.97
CA ASP A 204 -14.11 8.76 -2.68
C ASP A 204 -12.66 8.29 -2.66
N PRO A 205 -11.81 8.97 -1.88
CA PRO A 205 -10.39 8.59 -1.79
C PRO A 205 -10.18 7.13 -1.49
N LEU A 206 -11.14 6.52 -0.82
CA LEU A 206 -11.02 5.11 -0.44
C LEU A 206 -11.67 4.13 -1.39
N SER A 207 -12.18 4.63 -2.51
CA SER A 207 -12.81 3.76 -3.47
C SER A 207 -11.71 3.06 -4.28
N GLU A 208 -12.08 1.98 -4.97
CA GLU A 208 -11.14 1.21 -5.78
C GLU A 208 -10.44 2.08 -6.81
N LYS A 209 -11.20 2.97 -7.43
CA LYS A 209 -10.67 3.86 -8.45
C LYS A 209 -9.61 4.82 -7.93
N ASN A 210 -9.72 5.18 -6.65
CA ASN A 210 -8.82 6.18 -6.08
C ASN A 210 -7.84 5.82 -4.99
N VAL A 211 -8.04 4.70 -4.32
CA VAL A 211 -7.09 4.33 -3.28
C VAL A 211 -5.72 4.09 -3.89
N GLU A 212 -4.67 4.28 -3.11
CA GLU A 212 -3.33 4.09 -3.61
C GLU A 212 -2.92 2.64 -3.63
N LEU A 213 -2.63 2.14 -4.81
CA LEU A 213 -2.22 0.75 -4.98
C LEU A 213 -0.73 0.65 -4.69
N LYS A 214 -0.28 -0.59 -4.51
CA LYS A 214 1.13 -0.86 -4.26
C LYS A 214 1.90 -0.88 -5.58
N GLN A 215 3.13 -0.37 -5.57
CA GLN A 215 3.96 -0.34 -6.77
C GLN A 215 3.93 -1.70 -7.48
N THR A 216 4.15 -2.78 -6.74
CA THR A 216 4.16 -4.11 -7.33
C THR A 216 2.91 -4.35 -8.15
N GLU A 217 1.76 -4.03 -7.57
CA GLU A 217 0.48 -4.24 -8.21
C GLU A 217 0.34 -3.39 -9.48
N ILE A 218 0.86 -2.17 -9.44
CA ILE A 218 0.76 -1.32 -10.61
C ILE A 218 1.59 -1.92 -11.74
N LEU A 219 2.81 -2.32 -11.42
CA LEU A 219 3.69 -2.89 -12.42
C LEU A 219 3.09 -4.14 -13.06
N ARG A 220 2.32 -4.89 -12.28
CA ARG A 220 1.69 -6.10 -12.79
C ARG A 220 0.68 -5.72 -13.86
N ILE A 221 -0.22 -4.81 -13.49
CA ILE A 221 -1.25 -4.33 -14.39
C ILE A 221 -0.64 -3.76 -15.65
N LEU A 222 0.44 -3.01 -15.48
CA LEU A 222 1.11 -2.39 -16.61
C LEU A 222 1.65 -3.41 -17.61
N GLU A 223 2.27 -4.45 -17.10
CA GLU A 223 2.85 -5.48 -17.96
C GLU A 223 1.74 -6.27 -18.63
N ARG A 224 0.69 -6.56 -17.86
CA ARG A 224 -0.45 -7.30 -18.39
C ARG A 224 -1.10 -6.57 -19.57
N PHE A 225 -0.77 -5.29 -19.77
CA PHE A 225 -1.37 -4.58 -20.88
C PHE A 225 -0.33 -3.96 -21.80
N ASP A 226 0.89 -4.49 -21.75
CA ASP A 226 1.98 -4.02 -22.59
C ASP A 226 2.19 -2.52 -22.48
N VAL A 227 2.34 -2.06 -21.25
CA VAL A 227 2.56 -0.64 -21.01
C VAL A 227 3.93 -0.56 -20.37
N ASP A 228 4.84 0.19 -20.99
CA ASP A 228 6.18 0.30 -20.46
C ASP A 228 6.29 1.53 -19.56
N PRO A 229 6.57 1.32 -18.27
CA PRO A 229 6.71 2.38 -17.28
C PRO A 229 8.05 3.10 -17.37
N GLU A 230 8.96 2.56 -18.17
CA GLU A 230 10.28 3.17 -18.33
C GLU A 230 10.23 4.23 -19.40
N LYS A 231 9.23 4.16 -20.26
CA LYS A 231 9.08 5.17 -21.30
C LYS A 231 7.98 6.13 -20.86
N PRO A 232 7.94 7.34 -21.43
CA PRO A 232 6.93 8.33 -21.08
C PRO A 232 5.50 7.90 -21.42
N ILE A 233 4.56 8.33 -20.57
CA ILE A 233 3.15 7.98 -20.76
C ILE A 233 2.20 9.15 -20.63
N ILE A 234 1.34 9.33 -21.64
CA ILE A 234 0.31 10.37 -21.61
C ILE A 234 -1.00 9.60 -21.67
N THR A 235 -2.01 10.10 -20.98
CA THR A 235 -3.26 9.38 -20.91
C THR A 235 -4.51 10.22 -20.91
N GLN A 236 -5.55 9.70 -21.53
CA GLN A 236 -6.85 10.33 -21.49
C GLN A 236 -7.84 9.21 -21.21
N VAL A 237 -8.49 9.25 -20.06
CA VAL A 237 -9.49 8.24 -19.78
C VAL A 237 -10.79 8.97 -20.04
N SER A 238 -11.62 8.37 -20.88
CA SER A 238 -12.88 8.95 -21.27
C SER A 238 -13.74 7.95 -22.03
N ARG A 239 -15.05 8.15 -21.97
CA ARG A 239 -15.97 7.27 -22.70
C ARG A 239 -15.67 7.56 -24.17
N PHE A 240 -15.79 6.55 -25.02
CA PHE A 240 -15.54 6.71 -26.46
C PHE A 240 -16.72 7.30 -27.22
N ASP A 241 -16.58 8.54 -27.63
CA ASP A 241 -17.63 9.21 -28.37
C ASP A 241 -16.97 10.36 -29.13
N PRO A 242 -17.66 10.88 -30.15
CA PRO A 242 -17.15 11.98 -30.98
C PRO A 242 -16.81 13.34 -30.37
N TRP A 243 -17.35 13.67 -29.20
CA TRP A 243 -17.08 14.98 -28.62
C TRP A 243 -16.19 14.96 -27.39
N LYS A 244 -15.27 14.00 -27.36
CA LYS A 244 -14.37 13.84 -26.24
C LYS A 244 -12.93 14.14 -26.59
N GLY A 245 -12.68 14.62 -27.80
CA GLY A 245 -11.33 14.95 -28.23
C GLY A 245 -10.37 13.79 -28.42
N ILE A 246 -10.91 12.58 -28.55
CA ILE A 246 -10.08 11.39 -28.74
C ILE A 246 -9.17 11.51 -29.96
N PHE A 247 -9.69 12.01 -31.07
CA PHE A 247 -8.87 12.16 -32.26
C PHE A 247 -7.86 13.28 -32.08
N ASP A 248 -8.16 14.25 -31.22
CA ASP A 248 -7.19 15.32 -31.00
C ASP A 248 -6.06 14.78 -30.14
N VAL A 249 -6.40 13.97 -29.14
CA VAL A 249 -5.37 13.39 -28.28
C VAL A 249 -4.41 12.56 -29.14
N ILE A 250 -4.97 11.82 -30.09
CA ILE A 250 -4.14 11.02 -30.98
C ILE A 250 -3.17 11.94 -31.74
N GLU A 251 -3.69 13.05 -32.25
CA GLU A 251 -2.87 14.00 -32.98
C GLU A 251 -1.78 14.58 -32.06
N ILE A 252 -2.13 14.85 -30.82
CA ILE A 252 -1.19 15.39 -29.85
C ILE A 252 -0.08 14.35 -29.62
N TYR A 253 -0.50 13.10 -29.46
CA TYR A 253 0.45 12.02 -29.26
C TYR A 253 1.46 11.95 -30.41
N ARG A 254 0.94 11.96 -31.63
CA ARG A 254 1.77 11.87 -32.81
C ARG A 254 2.74 13.04 -32.89
N LYS A 255 2.21 14.23 -32.66
CA LYS A 255 3.02 15.45 -32.67
C LYS A 255 4.13 15.29 -31.64
N VAL A 256 3.71 15.09 -30.38
CA VAL A 256 4.66 14.92 -29.31
C VAL A 256 5.67 13.82 -29.62
N LYS A 257 5.20 12.74 -30.24
CA LYS A 257 6.06 11.62 -30.54
C LYS A 257 7.16 12.02 -31.51
N GLU A 258 6.93 13.08 -32.27
CA GLU A 258 7.96 13.52 -33.21
C GLU A 258 9.24 13.88 -32.48
N LYS A 259 9.12 14.24 -31.21
CA LYS A 259 10.29 14.62 -30.45
C LYS A 259 10.61 13.63 -29.34
N ILE A 260 9.60 12.93 -28.86
CA ILE A 260 9.78 11.95 -27.80
C ILE A 260 9.28 10.60 -28.28
N PRO A 261 10.06 9.94 -29.15
CA PRO A 261 9.84 8.63 -29.80
C PRO A 261 9.33 7.49 -28.92
N GLY A 262 9.61 7.53 -27.63
CA GLY A 262 9.17 6.46 -26.76
C GLY A 262 7.84 6.74 -26.08
N VAL A 263 7.30 7.94 -26.30
CA VAL A 263 6.04 8.33 -25.68
C VAL A 263 4.92 7.33 -26.01
N GLN A 264 4.18 6.92 -24.99
CA GLN A 264 3.07 6.00 -25.15
C GLN A 264 1.75 6.74 -24.92
N LEU A 265 0.69 6.30 -25.59
CA LEU A 265 -0.61 6.91 -25.43
C LEU A 265 -1.61 5.90 -24.87
N LEU A 266 -2.21 6.24 -23.74
CA LEU A 266 -3.21 5.38 -23.14
C LEU A 266 -4.57 6.00 -23.34
N LEU A 267 -5.40 5.34 -24.14
CA LEU A 267 -6.77 5.78 -24.37
C LEU A 267 -7.58 4.81 -23.54
N VAL A 268 -7.94 5.25 -22.35
CA VAL A 268 -8.69 4.41 -21.44
C VAL A 268 -10.15 4.79 -21.44
N GLY A 269 -11.02 3.77 -21.36
CA GLY A 269 -12.45 4.00 -21.33
C GLY A 269 -13.27 2.77 -20.97
N VAL A 270 -14.37 2.99 -20.24
CA VAL A 270 -15.27 1.89 -19.88
C VAL A 270 -16.67 2.33 -20.29
N MSE A 271 -17.41 1.43 -20.93
CA MSE A 271 -18.75 1.73 -21.40
C MSE A 271 -19.69 0.53 -21.34
O MSE A 271 -19.24 -0.62 -21.42
CB MSE A 271 -18.68 2.25 -22.84
CG MSE A 271 -17.77 3.43 -23.00
SE MSE A 271 -17.21 3.57 -24.81
CE MSE A 271 -16.15 1.97 -24.89
N ALA A 272 -20.98 0.81 -21.20
CA ALA A 272 -21.99 -0.24 -21.12
C ALA A 272 -22.13 -0.96 -22.46
N HIS A 273 -22.69 -2.16 -22.43
CA HIS A 273 -22.90 -2.93 -23.65
C HIS A 273 -23.86 -2.10 -24.49
N ASP A 274 -24.92 -1.61 -23.85
CA ASP A 274 -25.90 -0.77 -24.52
C ASP A 274 -25.32 0.63 -24.71
N ASP A 275 -24.48 0.78 -25.72
CA ASP A 275 -23.85 2.06 -26.04
C ASP A 275 -23.28 1.88 -27.45
N PRO A 276 -24.15 1.52 -28.40
CA PRO A 276 -23.73 1.31 -29.78
C PRO A 276 -22.78 2.39 -30.27
N GLU A 277 -23.16 3.65 -30.07
CA GLU A 277 -22.35 4.76 -30.50
C GLU A 277 -20.95 4.63 -29.92
N GLY A 278 -20.90 4.35 -28.63
CA GLY A 278 -19.63 4.20 -27.95
C GLY A 278 -18.74 3.19 -28.65
N TRP A 279 -19.24 1.97 -28.83
CA TRP A 279 -18.45 0.94 -29.49
C TRP A 279 -18.15 1.28 -30.95
N ILE A 280 -19.05 2.02 -31.59
CA ILE A 280 -18.80 2.41 -32.96
C ILE A 280 -17.60 3.33 -32.99
N TYR A 281 -17.59 4.32 -32.10
CA TYR A 281 -16.47 5.26 -32.06
C TYR A 281 -15.16 4.58 -31.69
N PHE A 282 -15.27 3.57 -30.83
CA PHE A 282 -14.15 2.78 -30.37
C PHE A 282 -13.47 2.15 -31.59
N GLU A 283 -14.27 1.47 -32.42
CA GLU A 283 -13.74 0.84 -33.64
C GLU A 283 -13.09 1.86 -34.60
N LYS A 284 -13.74 3.02 -34.77
CA LYS A 284 -13.18 4.06 -35.64
C LYS A 284 -11.85 4.55 -35.10
N THR A 285 -11.68 4.49 -33.77
CA THR A 285 -10.43 4.92 -33.15
C THR A 285 -9.31 3.93 -33.45
N LEU A 286 -9.64 2.66 -33.34
CA LEU A 286 -8.65 1.64 -33.61
C LEU A 286 -8.23 1.72 -35.08
N ARG A 287 -9.19 1.97 -35.96
CA ARG A 287 -8.90 2.09 -37.38
C ARG A 287 -7.98 3.27 -37.65
N LYS A 288 -8.26 4.38 -36.97
CA LYS A 288 -7.48 5.61 -37.09
C LYS A 288 -6.07 5.43 -36.56
N ILE A 289 -5.94 4.67 -35.48
CA ILE A 289 -4.65 4.42 -34.87
C ILE A 289 -3.78 3.50 -35.74
N GLY A 290 -4.44 2.54 -36.39
CA GLY A 290 -3.72 1.62 -37.24
C GLY A 290 -2.82 0.75 -36.41
N GLU A 291 -1.70 0.33 -36.99
CA GLU A 291 -0.82 -0.56 -36.26
C GLU A 291 0.29 0.05 -35.44
N ASP A 292 0.01 1.23 -34.90
CA ASP A 292 0.94 1.90 -34.02
C ASP A 292 0.60 1.32 -32.65
N TYR A 293 1.38 0.36 -32.21
CA TYR A 293 1.09 -0.25 -30.92
C TYR A 293 1.61 0.44 -29.69
N ASP A 294 2.17 1.64 -29.86
CA ASP A 294 2.61 2.38 -28.70
C ASP A 294 1.37 3.07 -28.14
N VAL A 295 0.28 3.01 -28.89
CA VAL A 295 -0.98 3.57 -28.42
C VAL A 295 -1.75 2.39 -27.85
N LYS A 296 -2.17 2.50 -26.59
CA LYS A 296 -2.94 1.43 -25.98
C LYS A 296 -4.40 1.85 -25.87
N VAL A 297 -5.29 0.97 -26.30
CA VAL A 297 -6.72 1.24 -26.22
C VAL A 297 -7.20 0.30 -25.13
N LEU A 298 -7.46 0.84 -23.95
CA LEU A 298 -7.87 0.07 -22.80
C LEU A 298 -9.34 0.26 -22.42
N THR A 299 -10.06 -0.86 -22.33
CA THR A 299 -11.48 -0.82 -22.03
C THR A 299 -11.92 -2.09 -21.34
N ASN A 300 -13.12 -2.06 -20.77
CA ASN A 300 -13.67 -3.23 -20.08
C ASN A 300 -13.91 -4.40 -21.06
N LEU A 301 -13.75 -4.15 -22.34
CA LEU A 301 -13.91 -5.19 -23.35
C LEU A 301 -12.81 -6.20 -23.13
N ILE A 302 -11.64 -5.71 -22.71
CA ILE A 302 -10.50 -6.57 -22.47
C ILE A 302 -10.05 -6.63 -21.02
N GLY A 303 -10.98 -6.48 -20.09
CA GLY A 303 -10.60 -6.58 -18.69
C GLY A 303 -10.20 -5.34 -17.91
N VAL A 304 -10.27 -4.16 -18.52
CA VAL A 304 -9.92 -2.96 -17.79
C VAL A 304 -11.09 -2.55 -16.90
N HIS A 305 -10.85 -2.50 -15.60
CA HIS A 305 -11.87 -2.09 -14.65
C HIS A 305 -11.31 -1.01 -13.74
N ALA A 306 -12.06 -0.63 -12.72
CA ALA A 306 -11.65 0.42 -11.79
C ALA A 306 -10.22 0.30 -11.25
N ARG A 307 -9.83 -0.90 -10.84
CA ARG A 307 -8.49 -1.09 -10.32
C ARG A 307 -7.44 -0.80 -11.40
N GLU A 308 -7.67 -1.27 -12.63
CA GLU A 308 -6.73 -1.03 -13.73
C GLU A 308 -6.74 0.42 -14.19
N VAL A 309 -7.91 1.04 -14.16
CA VAL A 309 -8.00 2.44 -14.55
C VAL A 309 -7.14 3.22 -13.57
N ASN A 310 -7.27 2.83 -12.30
CA ASN A 310 -6.53 3.43 -11.21
C ASN A 310 -5.03 3.40 -11.54
N ALA A 311 -4.58 2.24 -11.98
CA ALA A 311 -3.17 2.04 -12.32
C ALA A 311 -2.74 2.90 -13.48
N PHE A 312 -3.46 2.79 -14.59
CA PHE A 312 -3.12 3.56 -15.78
C PHE A 312 -2.95 5.05 -15.44
N GLN A 313 -3.79 5.57 -14.55
CA GLN A 313 -3.65 6.97 -14.17
C GLN A 313 -2.40 7.19 -13.35
N ARG A 314 -2.18 6.33 -12.36
CA ARG A 314 -0.99 6.47 -11.52
C ARG A 314 0.30 6.43 -12.31
N ALA A 315 0.38 5.56 -13.31
CA ALA A 315 1.57 5.43 -14.15
C ALA A 315 1.71 6.56 -15.19
N SER A 316 0.68 7.38 -15.35
CA SER A 316 0.73 8.47 -16.33
C SER A 316 1.64 9.60 -15.88
N ASP A 317 2.35 10.21 -16.83
CA ASP A 317 3.24 11.35 -16.53
C ASP A 317 2.42 12.61 -16.72
N VAL A 318 1.56 12.59 -17.74
CA VAL A 318 0.68 13.72 -18.05
C VAL A 318 -0.68 13.17 -18.43
N ILE A 319 -1.73 13.88 -18.07
CA ILE A 319 -3.08 13.43 -18.37
C ILE A 319 -3.82 14.51 -19.14
N LEU A 320 -4.48 14.11 -20.22
CA LEU A 320 -5.23 15.03 -21.06
C LEU A 320 -6.75 14.86 -20.97
N GLN A 321 -7.48 15.91 -21.34
CA GLN A 321 -8.94 15.88 -21.32
C GLN A 321 -9.40 16.92 -22.34
N MSE A 322 -9.37 16.54 -23.61
CA MSE A 322 -9.76 17.44 -24.69
C MSE A 322 -11.23 17.39 -25.07
O MSE A 322 -11.58 17.38 -26.25
CB MSE A 322 -8.90 17.14 -25.92
CG MSE A 322 -7.41 17.18 -25.64
SE MSE A 322 -6.84 18.84 -24.83
CE MSE A 322 -7.01 20.00 -26.40
N SER A 323 -12.10 17.36 -24.07
CA SER A 323 -13.53 17.31 -24.33
C SER A 323 -14.10 18.56 -25.03
N ILE A 324 -15.04 18.34 -25.94
CA ILE A 324 -15.70 19.43 -26.63
C ILE A 324 -17.02 19.62 -25.89
N ARG A 325 -17.52 18.51 -25.37
CA ARG A 325 -18.75 18.46 -24.59
C ARG A 325 -18.42 17.65 -23.35
N GLU A 326 -18.44 18.30 -22.20
CA GLU A 326 -18.12 17.62 -20.95
C GLU A 326 -19.10 17.96 -19.85
N GLY A 327 -19.27 17.03 -18.93
CA GLY A 327 -20.14 17.23 -17.78
C GLY A 327 -19.21 17.75 -16.69
N PHE A 328 -19.32 17.25 -15.47
CA PHE A 328 -18.44 17.73 -14.41
C PHE A 328 -17.02 17.23 -14.59
N GLY A 329 -16.88 16.08 -15.25
CA GLY A 329 -15.57 15.50 -15.52
C GLY A 329 -14.84 14.93 -14.32
N LEU A 330 -15.38 13.88 -13.73
CA LEU A 330 -14.75 13.26 -12.57
C LEU A 330 -13.37 12.68 -12.92
N THR A 331 -13.16 12.34 -14.19
CA THR A 331 -11.87 11.81 -14.61
C THR A 331 -10.74 12.79 -14.28
N VAL A 332 -11.01 14.07 -14.45
CA VAL A 332 -10.01 15.09 -14.16
C VAL A 332 -9.80 15.11 -12.67
N THR A 333 -10.89 14.97 -11.92
CA THR A 333 -10.82 14.97 -10.48
C THR A 333 -9.93 13.86 -9.96
N GLU A 334 -10.12 12.67 -10.52
CA GLU A 334 -9.35 11.51 -10.11
C GLU A 334 -7.87 11.72 -10.42
N ALA A 335 -7.58 12.23 -11.62
CA ALA A 335 -6.21 12.47 -12.01
C ALA A 335 -5.57 13.49 -11.08
N MSE A 336 -6.34 14.51 -10.72
CA MSE A 336 -5.84 15.53 -9.83
C MSE A 336 -5.51 14.94 -8.47
O MSE A 336 -4.50 15.29 -7.86
CB MSE A 336 -6.84 16.67 -9.70
CG MSE A 336 -6.93 17.53 -10.94
SE MSE A 336 -8.19 19.00 -10.80
CE MSE A 336 -7.08 20.32 -9.92
N TRP A 337 -6.35 14.02 -8.02
CA TRP A 337 -6.14 13.38 -6.73
C TRP A 337 -4.87 12.56 -6.71
N LYS A 338 -4.45 12.11 -7.89
CA LYS A 338 -3.24 11.30 -7.98
C LYS A 338 -2.00 12.16 -8.27
N GLY A 339 -2.11 13.46 -7.97
CA GLY A 339 -0.99 14.36 -8.20
C GLY A 339 -0.54 14.49 -9.64
N LYS A 340 -1.49 14.43 -10.57
CA LYS A 340 -1.16 14.54 -11.98
C LYS A 340 -1.60 15.85 -12.62
N PRO A 341 -0.70 16.50 -13.34
CA PRO A 341 -1.02 17.76 -14.01
C PRO A 341 -1.96 17.41 -15.16
N VAL A 342 -3.06 18.14 -15.28
CA VAL A 342 -4.01 17.87 -16.35
C VAL A 342 -4.07 18.96 -17.40
N ILE A 343 -4.17 18.54 -18.66
CA ILE A 343 -4.25 19.47 -19.78
C ILE A 343 -5.59 19.23 -20.46
N GLY A 344 -6.44 20.25 -20.48
CA GLY A 344 -7.74 20.08 -21.10
C GLY A 344 -8.33 21.32 -21.74
N ARG A 345 -9.57 21.19 -22.20
CA ARG A 345 -10.31 22.26 -22.84
C ARG A 345 -11.24 22.89 -21.81
N ALA A 346 -11.38 24.20 -21.86
CA ALA A 346 -12.22 24.90 -20.90
C ALA A 346 -13.72 24.65 -21.06
N VAL A 347 -14.21 23.46 -20.70
CA VAL A 347 -15.64 23.18 -20.80
C VAL A 347 -16.16 22.41 -19.57
N GLY A 348 -17.48 22.45 -19.38
CA GLY A 348 -18.09 21.76 -18.26
C GLY A 348 -17.29 21.88 -16.99
N GLY A 349 -17.14 20.76 -16.28
CA GLY A 349 -16.39 20.78 -15.04
C GLY A 349 -14.88 20.89 -15.18
N ILE A 350 -14.38 20.81 -16.42
CA ILE A 350 -12.94 20.89 -16.63
C ILE A 350 -12.42 22.31 -16.41
N LYS A 351 -13.26 23.29 -16.73
CA LYS A 351 -12.88 24.69 -16.56
C LYS A 351 -12.99 25.07 -15.09
N PHE A 352 -13.96 24.47 -14.40
CA PHE A 352 -14.15 24.76 -13.00
C PHE A 352 -13.04 24.16 -12.15
N GLN A 353 -12.79 22.86 -12.37
CA GLN A 353 -11.78 22.14 -11.61
C GLN A 353 -10.34 22.57 -11.78
N ILE A 354 -9.93 22.81 -13.02
CA ILE A 354 -8.55 23.20 -13.29
C ILE A 354 -8.29 24.69 -13.11
N VAL A 355 -7.21 25.00 -12.39
CA VAL A 355 -6.82 26.38 -12.20
C VAL A 355 -5.61 26.54 -13.11
N ASP A 356 -5.85 27.16 -14.26
CA ASP A 356 -4.83 27.35 -15.27
C ASP A 356 -3.46 27.79 -14.75
N GLY A 357 -2.43 27.03 -15.09
CA GLY A 357 -1.08 27.35 -14.69
C GLY A 357 -0.84 27.06 -13.23
N GLU A 358 -1.91 26.72 -12.52
CA GLU A 358 -1.83 26.41 -11.10
C GLU A 358 -1.78 24.90 -10.90
N THR A 359 -2.91 24.25 -11.16
CA THR A 359 -3.03 22.81 -11.01
C THR A 359 -2.77 22.08 -12.33
N GLY A 360 -3.08 22.76 -13.42
CA GLY A 360 -2.88 22.17 -14.72
C GLY A 360 -3.07 23.26 -15.74
N PHE A 361 -3.27 22.88 -17.00
CA PHE A 361 -3.48 23.87 -18.04
C PHE A 361 -4.76 23.70 -18.81
N LEU A 362 -5.27 24.83 -19.28
CA LEU A 362 -6.47 24.87 -20.09
C LEU A 362 -5.99 25.36 -21.46
N VAL A 363 -6.35 24.67 -22.52
CA VAL A 363 -5.93 25.07 -23.85
C VAL A 363 -7.12 25.15 -24.79
N ARG A 364 -6.94 25.76 -25.97
CA ARG A 364 -8.04 25.87 -26.92
C ARG A 364 -7.87 24.94 -28.12
N ASP A 365 -6.65 24.50 -28.38
CA ASP A 365 -6.40 23.63 -29.52
C ASP A 365 -5.37 22.55 -29.18
N ALA A 366 -5.04 21.73 -30.17
CA ALA A 366 -4.09 20.65 -29.99
C ALA A 366 -2.65 21.13 -29.87
N ASN A 367 -2.28 22.12 -30.67
CA ASN A 367 -0.92 22.64 -30.64
C ASN A 367 -0.54 23.20 -29.26
N GLU A 368 -1.45 23.95 -28.64
CA GLU A 368 -1.16 24.47 -27.31
C GLU A 368 -0.94 23.24 -26.44
N ALA A 369 -1.82 22.26 -26.59
CA ALA A 369 -1.73 21.03 -25.81
C ALA A 369 -0.38 20.37 -26.03
N VAL A 370 0.12 20.39 -27.26
CA VAL A 370 1.42 19.77 -27.49
C VAL A 370 2.54 20.52 -26.76
N GLU A 371 2.48 21.85 -26.77
CA GLU A 371 3.49 22.66 -26.10
C GLU A 371 3.58 22.29 -24.62
N VAL A 372 2.44 22.30 -23.95
CA VAL A 372 2.36 21.98 -22.53
C VAL A 372 2.82 20.58 -22.18
N VAL A 373 2.45 19.59 -23.00
CA VAL A 373 2.88 18.22 -22.70
C VAL A 373 4.40 18.20 -22.79
N LEU A 374 4.95 18.84 -23.82
CA LEU A 374 6.39 18.89 -24.01
C LEU A 374 6.98 19.60 -22.80
N TYR A 375 6.37 20.71 -22.44
CA TYR A 375 6.85 21.47 -21.29
C TYR A 375 6.88 20.56 -20.05
N LEU A 376 5.70 20.02 -19.70
CA LEU A 376 5.58 19.16 -18.54
C LEU A 376 6.52 17.96 -18.56
N LEU A 377 6.69 17.35 -19.73
CA LEU A 377 7.58 16.19 -19.80
C LEU A 377 9.01 16.55 -19.50
N LYS A 378 9.46 17.72 -19.91
CA LYS A 378 10.83 18.08 -19.64
C LYS A 378 11.05 18.79 -18.31
N HIS A 379 9.98 19.33 -17.73
CA HIS A 379 10.08 20.03 -16.44
C HIS A 379 9.33 19.33 -15.31
N PRO A 380 9.67 18.05 -15.06
CA PRO A 380 9.08 17.19 -14.03
C PRO A 380 8.86 17.83 -12.66
N GLU A 381 9.73 18.78 -12.32
CA GLU A 381 9.62 19.48 -11.04
C GLU A 381 8.33 20.29 -11.03
N VAL A 382 8.05 20.98 -12.13
CA VAL A 382 6.84 21.78 -12.22
C VAL A 382 5.64 20.85 -12.22
N SER A 383 5.78 19.70 -12.89
CA SER A 383 4.68 18.72 -12.93
C SER A 383 4.42 18.27 -11.51
N LYS A 384 5.48 17.81 -10.84
CA LYS A 384 5.33 17.37 -9.47
C LYS A 384 4.66 18.52 -8.71
N GLU A 385 5.10 19.74 -9.01
CA GLU A 385 4.55 20.93 -8.38
C GLU A 385 3.05 21.08 -8.60
N MSE A 386 2.64 21.24 -9.86
CA MSE A 386 1.23 21.39 -10.19
C MSE A 386 0.39 20.25 -9.64
O MSE A 386 -0.74 20.47 -9.17
CB MSE A 386 1.06 21.46 -11.70
CG MSE A 386 1.76 22.62 -12.32
SE MSE A 386 1.31 22.77 -14.18
CE MSE A 386 -0.30 23.80 -14.06
N GLY A 387 0.93 19.04 -9.73
CA GLY A 387 0.22 17.86 -9.25
C GLY A 387 -0.10 17.87 -7.77
N ALA A 388 0.87 18.25 -6.95
CA ALA A 388 0.67 18.31 -5.51
C ALA A 388 -0.40 19.35 -5.16
N LYS A 389 -0.39 20.46 -5.88
CA LYS A 389 -1.37 21.51 -5.65
C LYS A 389 -2.75 21.05 -6.12
N ALA A 390 -2.78 20.41 -7.28
CA ALA A 390 -4.05 19.93 -7.80
C ALA A 390 -4.63 18.94 -6.80
N LYS A 391 -3.74 18.22 -6.12
CA LYS A 391 -4.20 17.24 -5.15
C LYS A 391 -4.82 17.94 -3.95
N GLU A 392 -4.21 19.04 -3.51
CA GLU A 392 -4.73 19.77 -2.36
C GLU A 392 -6.07 20.42 -2.73
N ARG A 393 -6.19 20.82 -3.98
CA ARG A 393 -7.42 21.45 -4.44
C ARG A 393 -8.58 20.45 -4.34
N VAL A 394 -8.29 19.18 -4.57
CA VAL A 394 -9.31 18.13 -4.49
C VAL A 394 -9.56 17.75 -3.04
N ARG A 395 -8.51 17.79 -2.24
CA ARG A 395 -8.61 17.46 -0.83
C ARG A 395 -9.52 18.48 -0.16
N LYS A 396 -9.30 19.75 -0.48
CA LYS A 396 -10.08 20.83 0.10
C LYS A 396 -11.40 21.08 -0.60
N ASN A 397 -11.59 20.51 -1.78
CA ASN A 397 -12.82 20.78 -2.52
C ASN A 397 -13.70 19.67 -3.03
N PHE A 398 -13.13 18.54 -3.44
CA PHE A 398 -13.98 17.49 -4.03
C PHE A 398 -13.96 16.05 -3.52
N ILE A 399 -13.62 15.82 -2.26
CA ILE A 399 -13.62 14.45 -1.76
C ILE A 399 -14.96 14.17 -1.09
N ILE A 400 -15.31 12.90 -1.02
CA ILE A 400 -16.59 12.49 -0.44
C ILE A 400 -16.90 13.11 0.94
N THR A 401 -15.90 13.57 1.68
CA THR A 401 -16.20 14.15 2.98
C THR A 401 -16.64 15.60 2.86
N LYS A 402 -15.96 16.37 2.02
CA LYS A 402 -16.34 17.76 1.83
C LYS A 402 -17.72 17.75 1.18
N HIS A 403 -18.01 16.69 0.44
CA HIS A 403 -19.30 16.53 -0.22
C HIS A 403 -20.34 16.40 0.87
N MSE A 404 -20.07 15.48 1.81
CA MSE A 404 -20.97 15.26 2.93
C MSE A 404 -21.13 16.55 3.72
O MSE A 404 -22.24 16.92 4.12
CB MSE A 404 -20.42 14.16 3.83
CG MSE A 404 -21.22 13.96 5.08
SE MSE A 404 -20.48 12.53 6.10
CE MSE A 404 -18.82 13.37 6.62
N GLU A 405 -20.03 17.26 3.95
CA GLU A 405 -20.09 18.52 4.68
C GLU A 405 -21.05 19.51 3.99
N ARG A 406 -21.10 19.44 2.66
CA ARG A 406 -21.97 20.34 1.92
C ARG A 406 -23.44 19.97 2.11
N TYR A 407 -23.71 18.70 2.38
CA TYR A 407 -25.09 18.28 2.61
C TYR A 407 -25.49 18.81 3.98
N LEU A 408 -24.51 18.94 4.87
CA LEU A 408 -24.80 19.46 6.20
C LEU A 408 -25.28 20.89 6.05
N ASP A 409 -24.40 21.77 5.57
CA ASP A 409 -24.74 23.17 5.37
C ASP A 409 -26.17 23.26 4.89
N ILE A 410 -26.38 22.77 3.67
CA ILE A 410 -27.67 22.75 3.02
C ILE A 410 -28.79 22.39 3.99
N LEU A 411 -28.64 21.25 4.68
CA LEU A 411 -29.66 20.83 5.63
C LEU A 411 -29.79 21.81 6.78
N ASN A 412 -28.66 22.37 7.22
CA ASN A 412 -28.69 23.33 8.31
C ASN A 412 -29.57 24.50 7.90
N SER A 413 -29.42 24.95 6.65
CA SER A 413 -30.22 26.06 6.16
C SER A 413 -31.64 25.56 5.82
N LYS B 2 10.54 -16.32 38.19
CA LYS B 2 10.15 -14.92 37.83
C LYS B 2 9.71 -14.90 36.37
N MSE B 3 9.54 -16.09 35.82
CA MSE B 3 9.15 -16.26 34.43
C MSE B 3 7.74 -15.76 34.15
O MSE B 3 6.80 -16.12 34.85
CB MSE B 3 9.27 -17.73 34.07
CG MSE B 3 9.08 -18.04 32.61
SE MSE B 3 10.10 -19.60 32.16
CE MSE B 3 8.97 -20.94 32.96
N TYR B 4 7.61 -14.91 33.12
CA TYR B 4 6.31 -14.35 32.73
C TYR B 4 6.03 -14.60 31.26
N GLU B 5 4.86 -15.17 30.97
CA GLU B 5 4.45 -15.44 29.60
C GLU B 5 3.89 -14.18 28.95
N VAL B 6 3.76 -14.22 27.62
CA VAL B 6 3.21 -13.09 26.88
C VAL B 6 2.39 -13.62 25.70
N LYS B 7 2.63 -14.88 25.36
CA LYS B 7 1.94 -15.55 24.27
C LYS B 7 0.44 -15.26 24.29
N LYS B 13 -1.76 -10.35 15.74
CA LYS B 13 -2.52 -10.98 14.67
C LYS B 13 -1.60 -11.37 13.50
N ARG B 14 -1.62 -12.65 13.13
CA ARG B 14 -0.77 -13.14 12.04
C ARG B 14 -1.03 -14.59 11.64
N LYS B 15 -2.17 -14.84 10.99
CA LYS B 15 -2.52 -16.20 10.59
C LYS B 15 -1.97 -16.63 9.22
N LEU B 16 -1.68 -17.92 9.10
CA LEU B 16 -1.11 -18.47 7.88
C LEU B 16 -1.70 -17.98 6.57
N GLU B 17 -3.03 -17.88 6.49
CA GLU B 17 -3.66 -17.44 5.25
C GLU B 17 -3.14 -16.07 4.79
N ASP B 18 -2.71 -15.27 5.77
CA ASP B 18 -2.18 -13.95 5.49
C ASP B 18 -1.01 -13.98 4.52
N TYR B 19 -0.42 -15.15 4.33
CA TYR B 19 0.71 -15.27 3.42
C TYR B 19 0.35 -16.03 2.16
N LYS B 20 -0.89 -16.49 2.10
CA LYS B 20 -1.38 -17.24 0.96
C LYS B 20 -0.97 -16.60 -0.37
N SER B 21 -1.31 -15.32 -0.52
CA SER B 21 -1.01 -14.58 -1.75
C SER B 21 0.46 -14.52 -2.10
N ILE B 22 1.33 -14.82 -1.13
CA ILE B 22 2.76 -14.77 -1.34
C ILE B 22 3.35 -16.12 -1.74
N ILE B 23 2.88 -17.18 -1.10
CA ILE B 23 3.39 -18.52 -1.35
C ILE B 23 2.55 -19.45 -2.24
N GLY B 24 1.28 -19.12 -2.45
CA GLY B 24 0.46 -19.97 -3.28
C GLY B 24 -0.09 -21.14 -2.49
N GLU B 25 -1.36 -21.46 -2.75
CA GLU B 25 -2.07 -22.53 -2.06
C GLU B 25 -1.27 -23.82 -1.88
N GLU B 26 -0.53 -24.21 -2.91
CA GLU B 26 0.27 -25.43 -2.84
C GLU B 26 1.22 -25.42 -1.65
N GLU B 27 2.13 -24.44 -1.64
CA GLU B 27 3.08 -24.31 -0.55
C GLU B 27 2.30 -24.23 0.77
N VAL B 28 1.16 -23.54 0.73
CA VAL B 28 0.31 -23.38 1.90
C VAL B 28 -0.20 -24.74 2.34
N SER B 29 -0.26 -25.67 1.40
CA SER B 29 -0.73 -27.01 1.70
C SER B 29 0.34 -27.75 2.49
N LYS B 30 1.48 -28.03 1.85
CA LYS B 30 2.57 -28.73 2.52
C LYS B 30 2.71 -28.28 3.97
N ILE B 31 2.50 -26.99 4.19
CA ILE B 31 2.58 -26.45 5.55
C ILE B 31 1.43 -27.02 6.38
N GLN B 32 0.20 -26.78 5.95
CA GLN B 32 -0.97 -27.30 6.67
C GLN B 32 -0.88 -28.81 6.78
N GLU B 33 -0.29 -29.41 5.76
CA GLU B 33 -0.11 -30.86 5.69
C GLU B 33 0.76 -31.32 6.85
N LYS B 34 2.00 -30.88 6.85
CA LYS B 34 2.95 -31.26 7.89
C LYS B 34 2.46 -30.85 9.28
N ALA B 35 1.60 -29.84 9.32
CA ALA B 35 1.07 -29.33 10.58
C ALA B 35 -0.02 -30.19 11.21
N GLU B 36 -0.34 -31.32 10.57
CA GLU B 36 -1.40 -32.19 11.05
C GLU B 36 -0.90 -33.36 11.91
N LYS B 37 0.26 -33.90 11.54
CA LYS B 37 0.84 -35.02 12.27
C LYS B 37 1.50 -34.47 13.52
N LEU B 38 1.10 -33.26 13.89
CA LEU B 38 1.69 -32.58 15.03
C LEU B 38 0.64 -31.71 15.73
N LYS B 39 -0.56 -31.65 15.14
CA LYS B 39 -1.63 -30.84 15.70
C LYS B 39 -1.88 -31.12 17.17
N GLY B 40 -2.34 -30.09 17.88
CA GLY B 40 -2.65 -30.22 19.29
C GLY B 40 -1.48 -30.22 20.28
N ARG B 41 -0.34 -30.75 19.87
CA ARG B 41 0.84 -30.82 20.75
C ARG B 41 1.30 -29.45 21.24
N SER B 42 2.24 -29.45 22.20
CA SER B 42 2.77 -28.21 22.76
C SER B 42 4.14 -27.83 22.20
N PHE B 43 4.30 -26.55 21.87
CA PHE B 43 5.53 -26.01 21.32
C PHE B 43 5.82 -24.75 22.13
N VAL B 44 6.66 -24.89 23.14
CA VAL B 44 7.00 -23.77 23.98
C VAL B 44 8.31 -23.10 23.57
N HIS B 45 8.38 -21.78 23.75
CA HIS B 45 9.56 -20.99 23.42
C HIS B 45 10.00 -20.18 24.63
N VAL B 46 11.30 -20.18 24.89
CA VAL B 46 11.80 -19.42 26.02
C VAL B 46 12.99 -18.56 25.60
N ASN B 47 13.07 -17.35 26.15
CA ASN B 47 14.17 -16.44 25.83
C ASN B 47 14.26 -15.35 26.89
N SER B 48 15.10 -14.34 26.63
CA SER B 48 15.30 -13.27 27.58
C SER B 48 14.37 -12.08 27.45
N THR B 49 14.38 -11.43 26.29
CA THR B 49 13.52 -10.26 26.09
C THR B 49 12.18 -10.59 25.44
N SER B 50 11.26 -9.64 25.53
CA SER B 50 9.92 -9.78 24.96
C SER B 50 9.71 -8.65 23.96
N PHE B 51 10.54 -7.62 24.08
CA PHE B 51 10.46 -6.45 23.21
C PHE B 51 11.77 -6.30 22.46
N GLY B 52 11.72 -6.39 21.13
CA GLY B 52 12.93 -6.25 20.35
C GLY B 52 12.83 -6.88 18.97
N GLY B 53 13.97 -6.96 18.29
CA GLY B 53 14.00 -7.54 16.97
C GLY B 53 14.55 -8.95 17.07
N GLY B 54 14.76 -9.58 15.92
CA GLY B 54 15.29 -10.93 15.91
C GLY B 54 14.37 -11.91 16.59
N VAL B 55 14.83 -12.51 17.68
CA VAL B 55 14.04 -13.50 18.41
C VAL B 55 12.65 -12.96 18.72
N ALA B 56 12.61 -11.90 19.51
CA ALA B 56 11.34 -11.30 19.88
C ALA B 56 10.49 -11.07 18.64
N GLU B 57 10.95 -10.18 17.77
CA GLU B 57 10.25 -9.84 16.54
C GLU B 57 9.75 -11.09 15.81
N ILE B 58 10.60 -12.09 15.70
CA ILE B 58 10.22 -13.31 15.02
C ILE B 58 9.13 -14.08 15.75
N LEU B 59 9.28 -14.25 17.05
CA LEU B 59 8.29 -14.96 17.84
C LEU B 59 6.91 -14.31 17.70
N HIS B 60 6.89 -12.99 17.88
CA HIS B 60 5.66 -12.20 17.78
C HIS B 60 4.85 -12.64 16.58
N SER B 61 5.54 -13.15 15.58
CA SER B 61 4.87 -13.61 14.37
C SER B 61 4.81 -15.13 14.27
N LEU B 62 5.90 -15.77 14.66
CA LEU B 62 5.98 -17.22 14.58
C LEU B 62 4.97 -17.93 15.48
N VAL B 63 4.76 -17.39 16.67
CA VAL B 63 3.83 -17.99 17.62
C VAL B 63 2.41 -18.07 17.04
N PRO B 64 1.76 -16.91 16.88
CA PRO B 64 0.40 -16.91 16.32
C PRO B 64 0.34 -17.78 15.06
N LEU B 65 1.32 -17.57 14.21
CA LEU B 65 1.42 -18.30 12.96
C LEU B 65 1.37 -19.80 13.21
N LEU B 66 2.02 -20.25 14.28
CA LEU B 66 2.04 -21.68 14.61
C LEU B 66 0.67 -22.19 15.00
N ARG B 67 0.00 -21.43 15.85
CA ARG B 67 -1.33 -21.79 16.31
C ARG B 67 -2.23 -21.97 15.08
N SER B 68 -2.19 -20.97 14.20
CA SER B 68 -2.99 -20.99 12.98
C SER B 68 -2.96 -22.35 12.27
N ILE B 69 -1.84 -23.05 12.36
CA ILE B 69 -1.75 -24.35 11.73
C ILE B 69 -2.09 -25.44 12.73
N GLY B 70 -2.75 -25.02 13.81
CA GLY B 70 -3.17 -25.96 14.84
C GLY B 70 -2.07 -26.55 15.68
N ILE B 71 -1.45 -25.72 16.52
CA ILE B 71 -0.39 -26.16 17.40
C ILE B 71 -0.33 -25.31 18.65
N GLU B 72 -0.52 -25.95 19.79
CA GLU B 72 -0.51 -25.24 21.06
C GLU B 72 0.88 -24.70 21.38
N ALA B 73 1.29 -23.68 20.61
CA ALA B 73 2.59 -23.06 20.79
C ALA B 73 2.47 -21.91 21.77
N ARG B 74 3.42 -21.80 22.69
CA ARG B 74 3.37 -20.73 23.67
C ARG B 74 4.75 -20.10 23.88
N TRP B 75 4.78 -18.86 24.32
CA TRP B 75 6.04 -18.16 24.52
C TRP B 75 6.24 -17.52 25.90
N PHE B 76 7.23 -18.02 26.62
CA PHE B 76 7.55 -17.51 27.95
C PHE B 76 8.90 -16.80 27.91
N VAL B 77 9.06 -15.84 28.82
CA VAL B 77 10.28 -15.06 28.90
C VAL B 77 10.90 -15.03 30.29
N ILE B 78 12.11 -15.54 30.41
CA ILE B 78 12.81 -15.55 31.69
C ILE B 78 13.00 -14.10 32.08
N GLU B 79 13.24 -13.87 33.37
CA GLU B 79 13.41 -12.51 33.85
C GLU B 79 14.50 -12.48 34.91
N GLY B 80 15.25 -11.38 34.94
CA GLY B 80 16.31 -11.26 35.91
C GLY B 80 16.75 -9.81 36.08
N PRO B 81 17.68 -9.54 37.00
CA PRO B 81 18.17 -8.19 37.25
C PRO B 81 19.31 -7.85 36.29
N THR B 82 19.65 -6.56 36.22
CA THR B 82 20.72 -6.10 35.34
C THR B 82 21.95 -7.02 35.43
N GLU B 83 22.32 -7.38 36.66
CA GLU B 83 23.46 -8.24 36.90
C GLU B 83 23.39 -9.49 36.02
N PHE B 84 22.29 -10.22 36.12
CA PHE B 84 22.12 -11.43 35.33
C PHE B 84 22.36 -11.19 33.84
N PHE B 85 21.91 -10.04 33.35
CA PHE B 85 22.06 -9.71 31.93
C PHE B 85 23.46 -9.24 31.58
N ASN B 86 24.09 -8.47 32.46
CA ASN B 86 25.44 -8.03 32.19
C ASN B 86 26.34 -9.27 32.17
N VAL B 87 25.96 -10.26 32.95
CA VAL B 87 26.71 -11.51 32.99
C VAL B 87 26.52 -12.20 31.65
N THR B 88 25.27 -12.33 31.22
CA THR B 88 24.95 -12.96 29.94
C THR B 88 25.51 -12.14 28.79
N LYS B 89 25.52 -10.83 28.98
CA LYS B 89 26.08 -9.94 27.96
C LYS B 89 27.51 -10.42 27.77
N THR B 90 28.15 -10.76 28.88
CA THR B 90 29.52 -11.22 28.85
C THR B 90 29.63 -12.59 28.19
N PHE B 91 28.75 -13.52 28.54
CA PHE B 91 28.78 -14.85 27.95
C PHE B 91 28.73 -14.71 26.44
N HIS B 92 27.83 -13.88 25.99
CA HIS B 92 27.63 -13.64 24.58
C HIS B 92 28.99 -13.42 23.91
N ASN B 93 29.72 -12.39 24.35
CA ASN B 93 31.01 -12.07 23.77
C ASN B 93 32.05 -13.14 24.04
N ALA B 94 31.96 -13.76 25.20
CA ALA B 94 32.89 -14.81 25.56
C ALA B 94 32.72 -15.92 24.56
N LEU B 95 31.49 -16.40 24.40
CA LEU B 95 31.22 -17.47 23.44
C LEU B 95 31.57 -17.05 22.02
N GLN B 96 31.83 -15.76 21.83
CA GLN B 96 32.19 -15.25 20.52
C GLN B 96 33.70 -14.98 20.43
N GLY B 97 34.48 -15.90 20.98
CA GLY B 97 35.93 -15.81 20.91
C GLY B 97 36.71 -14.84 21.78
N ASN B 98 36.05 -13.85 22.36
CA ASN B 98 36.76 -12.90 23.20
C ASN B 98 37.47 -13.63 24.35
N GLU B 99 38.76 -13.90 24.19
CA GLU B 99 39.53 -14.62 25.19
C GLU B 99 39.84 -13.80 26.44
N SER B 100 39.76 -12.49 26.34
CA SER B 100 40.06 -11.64 27.48
C SER B 100 39.02 -11.64 28.60
N LEU B 101 37.90 -12.31 28.36
CA LEU B 101 36.85 -12.34 29.36
C LEU B 101 37.08 -13.50 30.32
N LYS B 102 36.78 -13.29 31.60
CA LYS B 102 36.96 -14.32 32.63
C LYS B 102 35.64 -14.70 33.30
N LEU B 103 35.40 -16.01 33.43
CA LEU B 103 34.19 -16.51 34.06
C LEU B 103 34.51 -16.91 35.51
N THR B 104 33.93 -16.19 36.46
CA THR B 104 34.17 -16.44 37.87
C THR B 104 33.04 -17.22 38.52
N GLU B 105 33.39 -18.19 39.35
CA GLU B 105 32.39 -19.02 40.02
C GLU B 105 31.25 -18.15 40.54
N GLU B 106 31.61 -16.99 41.11
CA GLU B 106 30.63 -16.07 41.66
C GLU B 106 29.51 -15.74 40.67
N MSE B 107 29.89 -15.32 39.46
CA MSE B 107 28.93 -14.99 38.44
C MSE B 107 28.34 -16.28 37.87
O MSE B 107 27.25 -16.28 37.31
CB MSE B 107 29.58 -14.18 37.31
CG MSE B 107 30.86 -14.79 36.74
SE MSE B 107 31.69 -13.74 35.34
CE MSE B 107 32.28 -12.25 36.39
N LYS B 108 29.06 -17.37 38.06
CA LYS B 108 28.63 -18.67 37.56
C LYS B 108 27.43 -19.17 38.35
N GLU B 109 27.25 -18.63 39.55
CA GLU B 109 26.13 -19.01 40.40
C GLU B 109 24.91 -18.22 39.97
N LEU B 110 25.05 -16.90 39.96
CA LEU B 110 23.96 -16.00 39.56
C LEU B 110 23.21 -16.50 38.34
N TYR B 111 23.95 -17.00 37.35
CA TYR B 111 23.33 -17.54 36.14
C TYR B 111 22.44 -18.70 36.54
N LEU B 112 23.02 -19.66 37.26
CA LEU B 112 22.30 -20.83 37.71
C LEU B 112 21.17 -20.48 38.69
N ASN B 113 21.41 -19.49 39.54
CA ASN B 113 20.38 -19.08 40.48
C ASN B 113 19.20 -18.50 39.70
N VAL B 114 19.47 -17.50 38.87
CA VAL B 114 18.40 -16.88 38.10
C VAL B 114 17.66 -17.93 37.28
N ASN B 115 18.38 -18.94 36.80
CA ASN B 115 17.71 -19.99 36.06
C ASN B 115 16.78 -20.72 37.03
N ARG B 116 17.24 -20.86 38.28
CA ARG B 116 16.47 -21.54 39.31
C ARG B 116 15.19 -20.78 39.64
N GLU B 117 15.30 -19.46 39.75
CA GLU B 117 14.13 -18.63 40.06
C GLU B 117 13.06 -18.75 38.98
N ASN B 118 13.42 -18.46 37.74
CA ASN B 118 12.46 -18.56 36.65
C ASN B 118 11.98 -19.99 36.45
N SER B 119 12.80 -20.96 36.84
CA SER B 119 12.42 -22.36 36.69
C SER B 119 11.32 -22.71 37.68
N LYS B 120 11.50 -22.26 38.93
CA LYS B 120 10.52 -22.51 39.98
C LYS B 120 9.22 -21.81 39.59
N PHE B 121 8.50 -22.38 38.64
CA PHE B 121 7.25 -21.80 38.19
C PHE B 121 6.64 -22.68 37.10
N ILE B 122 6.45 -22.13 35.91
CA ILE B 122 5.87 -22.87 34.80
C ILE B 122 6.59 -24.19 34.56
N ASP B 123 5.86 -25.28 34.69
CA ASP B 123 6.42 -26.60 34.48
C ASP B 123 6.74 -26.83 33.02
N LEU B 124 7.84 -26.24 32.56
CA LEU B 124 8.28 -26.35 31.18
C LEU B 124 8.48 -27.80 30.74
N SER B 125 8.69 -28.71 31.69
CA SER B 125 8.92 -30.11 31.36
C SER B 125 7.66 -30.87 30.93
N SER B 126 6.50 -30.28 31.21
CA SER B 126 5.23 -30.91 30.86
C SER B 126 4.91 -30.87 29.36
N PHE B 127 5.24 -29.75 28.71
CA PHE B 127 4.95 -29.58 27.29
C PHE B 127 5.60 -30.66 26.41
N ASP B 128 4.97 -30.94 25.27
CA ASP B 128 5.44 -31.96 24.35
C ASP B 128 6.80 -31.65 23.74
N TYR B 129 7.04 -30.38 23.46
CA TYR B 129 8.29 -29.93 22.87
C TYR B 129 8.74 -28.63 23.52
N VAL B 130 10.04 -28.55 23.81
CA VAL B 130 10.61 -27.35 24.43
C VAL B 130 11.76 -26.80 23.60
N LEU B 131 11.77 -25.48 23.45
CA LEU B 131 12.82 -24.84 22.67
C LEU B 131 13.31 -23.61 23.42
N VAL B 132 14.61 -23.63 23.72
CA VAL B 132 15.23 -22.53 24.43
C VAL B 132 16.14 -21.77 23.48
N HIS B 133 15.99 -20.44 23.47
CA HIS B 133 16.78 -19.56 22.61
C HIS B 133 18.01 -18.95 23.28
N ASP B 134 19.20 -19.33 22.79
CA ASP B 134 20.48 -18.81 23.27
C ASP B 134 20.90 -19.23 24.69
N PRO B 135 21.97 -18.62 25.22
CA PRO B 135 22.52 -18.91 26.55
C PRO B 135 21.70 -18.65 27.81
N GLN B 136 21.25 -17.41 27.99
CA GLN B 136 20.52 -17.00 29.19
C GLN B 136 19.66 -18.08 29.86
N PRO B 137 18.80 -18.75 29.10
CA PRO B 137 17.96 -19.78 29.72
C PRO B 137 18.40 -21.21 29.37
N ALA B 138 19.65 -21.38 28.98
CA ALA B 138 20.11 -22.71 28.61
C ALA B 138 20.03 -23.66 29.80
N ALA B 139 20.42 -23.17 30.96
CA ALA B 139 20.45 -23.95 32.19
C ALA B 139 19.10 -24.47 32.69
N LEU B 140 18.01 -24.03 32.09
CA LEU B 140 16.67 -24.46 32.51
C LEU B 140 16.45 -25.97 32.43
N ILE B 141 17.07 -26.61 31.44
CA ILE B 141 16.90 -28.02 31.17
C ILE B 141 17.45 -28.80 32.37
N GLU B 142 17.94 -28.06 33.36
CA GLU B 142 18.51 -28.66 34.56
C GLU B 142 17.46 -28.79 35.66
N PHE B 143 16.68 -27.73 35.85
CA PHE B 143 15.67 -27.71 36.91
C PHE B 143 14.34 -28.40 36.61
N TYR B 144 14.35 -29.32 35.65
CA TYR B 144 13.14 -30.07 35.28
C TYR B 144 13.57 -31.47 34.84
N GLU B 145 12.65 -32.43 34.90
CA GLU B 145 12.95 -33.80 34.50
C GLU B 145 12.44 -34.03 33.09
N LYS B 146 13.37 -34.23 32.16
CA LYS B 146 13.01 -34.45 30.76
C LYS B 146 12.07 -35.62 30.49
N LYS B 147 10.96 -35.28 29.85
CA LYS B 147 9.93 -36.22 29.47
C LYS B 147 9.78 -36.00 27.98
N SER B 148 9.76 -34.72 27.61
CA SER B 148 9.62 -34.28 26.24
C SER B 148 10.96 -33.84 25.65
N PRO B 149 11.05 -33.80 24.30
CA PRO B 149 12.33 -33.39 23.70
C PRO B 149 12.60 -31.91 23.96
N TRP B 150 13.88 -31.56 24.06
CA TRP B 150 14.27 -30.17 24.29
C TRP B 150 15.23 -29.73 23.20
N LEU B 151 14.91 -28.60 22.57
CA LEU B 151 15.74 -28.06 21.50
C LEU B 151 16.40 -26.76 21.88
N TRP B 152 17.66 -26.62 21.49
CA TRP B 152 18.38 -25.41 21.78
C TRP B 152 18.65 -24.66 20.49
N ARG B 153 18.17 -23.43 20.44
CA ARG B 153 18.34 -22.58 19.27
C ARG B 153 19.45 -21.60 19.60
N CYS B 154 20.52 -21.63 18.81
CA CYS B 154 21.66 -20.75 19.04
C CYS B 154 21.62 -19.67 17.99
N HIS B 155 21.91 -18.43 18.36
CA HIS B 155 21.89 -17.36 17.37
C HIS B 155 23.27 -16.75 17.18
N ILE B 156 24.15 -17.02 18.12
CA ILE B 156 25.51 -16.51 18.06
C ILE B 156 26.40 -17.54 17.35
N ASP B 157 27.70 -17.30 17.31
CA ASP B 157 28.63 -18.22 16.64
C ASP B 157 29.56 -18.96 17.61
N LEU B 158 29.47 -20.29 17.61
CA LEU B 158 30.29 -21.12 18.49
C LEU B 158 31.30 -21.98 17.73
N SER B 159 32.11 -21.35 16.89
CA SER B 159 33.11 -22.06 16.12
C SER B 159 34.42 -21.97 16.87
N SER B 160 34.50 -21.01 17.78
CA SER B 160 35.72 -20.78 18.56
C SER B 160 35.38 -19.88 19.76
N PRO B 161 34.65 -20.44 20.75
CA PRO B 161 34.23 -19.75 21.97
C PRO B 161 35.28 -19.75 23.09
N ASN B 162 35.21 -18.74 23.95
CA ASN B 162 36.12 -18.66 25.10
C ASN B 162 35.94 -19.95 25.86
N ARG B 163 36.96 -20.81 25.82
CA ARG B 163 36.93 -22.12 26.48
C ARG B 163 36.34 -22.21 27.88
N GLU B 164 36.82 -21.41 28.82
CA GLU B 164 36.28 -21.50 30.17
C GLU B 164 34.78 -21.23 30.19
N PHE B 165 34.28 -20.53 29.17
CA PHE B 165 32.85 -20.27 29.12
C PHE B 165 32.09 -21.41 28.46
N TRP B 166 32.55 -21.85 27.30
CA TRP B 166 31.88 -22.94 26.60
C TRP B 166 31.77 -24.22 27.42
N GLU B 167 32.86 -24.59 28.07
CA GLU B 167 32.88 -25.81 28.87
C GLU B 167 31.84 -25.78 29.96
N PHE B 168 31.49 -24.58 30.43
CA PHE B 168 30.47 -24.45 31.45
C PHE B 168 29.08 -24.61 30.85
N LEU B 169 28.88 -24.00 29.69
CA LEU B 169 27.60 -24.06 29.01
C LEU B 169 27.29 -25.46 28.47
N ARG B 170 28.23 -26.07 27.76
CA ARG B 170 27.97 -27.38 27.18
C ARG B 170 27.38 -28.38 28.16
N ARG B 171 27.64 -28.17 29.45
CA ARG B 171 27.11 -29.06 30.47
C ARG B 171 25.60 -29.08 30.34
N PHE B 172 25.05 -27.95 29.87
CA PHE B 172 23.61 -27.81 29.70
C PHE B 172 23.20 -28.14 28.27
N VAL B 173 23.84 -27.48 27.32
CA VAL B 173 23.52 -27.70 25.92
C VAL B 173 23.64 -29.17 25.51
N GLU B 174 24.67 -29.87 25.96
CA GLU B 174 24.88 -31.27 25.60
C GLU B 174 23.67 -32.17 25.90
N LYS B 175 22.76 -31.67 26.72
CA LYS B 175 21.58 -32.44 27.10
C LYS B 175 20.48 -32.43 26.04
N TYR B 176 20.13 -31.24 25.59
CA TYR B 176 19.05 -31.07 24.62
C TYR B 176 19.12 -32.08 23.48
N ASP B 177 17.95 -32.49 22.98
CA ASP B 177 17.86 -33.41 21.86
C ASP B 177 18.37 -32.86 20.55
N ARG B 178 18.31 -31.55 20.38
CA ARG B 178 18.77 -30.91 19.16
C ARG B 178 19.39 -29.55 19.39
N TYR B 179 20.38 -29.24 18.55
CA TYR B 179 21.08 -27.97 18.60
C TYR B 179 20.84 -27.34 17.24
N ILE B 180 20.30 -26.12 17.21
CA ILE B 180 20.03 -25.44 15.96
C ILE B 180 20.92 -24.22 15.76
N PHE B 181 21.67 -24.21 14.65
CA PHE B 181 22.58 -23.12 14.30
C PHE B 181 22.19 -22.44 13.00
N HIS B 182 22.55 -21.15 12.87
CA HIS B 182 22.23 -20.39 11.66
C HIS B 182 22.91 -21.02 10.44
N LEU B 183 24.21 -21.28 10.57
CA LEU B 183 24.97 -21.91 9.48
C LEU B 183 26.13 -22.77 10.00
N PRO B 184 26.66 -23.63 9.14
CA PRO B 184 27.72 -24.58 9.55
C PRO B 184 28.91 -23.95 10.26
N GLU B 185 29.41 -22.84 9.72
CA GLU B 185 30.59 -22.18 10.26
C GLU B 185 30.27 -21.64 11.65
N TYR B 186 29.17 -22.13 12.22
CA TYR B 186 28.74 -21.67 13.54
C TYR B 186 28.56 -22.79 14.55
N VAL B 187 28.43 -24.02 14.05
CA VAL B 187 28.24 -25.18 14.92
C VAL B 187 29.43 -25.41 15.82
N GLN B 188 29.17 -25.98 17.00
CA GLN B 188 30.21 -26.30 17.95
C GLN B 188 30.76 -27.67 17.55
N PRO B 189 31.98 -27.70 16.97
CA PRO B 189 32.63 -28.93 16.53
C PRO B 189 32.62 -30.09 17.52
N GLU B 190 32.69 -29.76 18.81
CA GLU B 190 32.68 -30.80 19.83
C GLU B 190 31.40 -31.61 19.73
N LEU B 191 30.27 -30.92 19.74
CA LEU B 191 28.95 -31.54 19.66
C LEU B 191 28.79 -32.55 18.53
N ASP B 192 27.81 -33.45 18.68
CA ASP B 192 27.53 -34.48 17.70
C ASP B 192 26.84 -33.97 16.44
N ARG B 193 27.55 -34.04 15.32
CA ARG B 193 27.04 -33.59 14.04
C ARG B 193 25.69 -34.22 13.68
N ASN B 194 25.21 -35.12 14.52
CA ASN B 194 23.94 -35.80 14.27
C ASN B 194 22.76 -35.19 15.01
N LYS B 195 23.02 -34.62 16.18
CA LYS B 195 21.97 -34.00 16.97
C LYS B 195 21.93 -32.49 16.68
N ALA B 196 22.75 -32.08 15.73
CA ALA B 196 22.84 -30.68 15.33
C ALA B 196 22.10 -30.44 14.02
N VAL B 197 21.37 -29.34 13.96
CA VAL B 197 20.60 -28.99 12.77
C VAL B 197 20.91 -27.56 12.33
N ILE B 198 20.97 -27.36 11.01
CA ILE B 198 21.23 -26.03 10.48
C ILE B 198 19.96 -25.37 10.00
N MSE B 199 19.63 -24.23 10.61
CA MSE B 199 18.43 -23.48 10.28
C MSE B 199 18.71 -21.98 10.23
O MSE B 199 18.81 -21.32 11.28
CB MSE B 199 17.35 -23.80 11.31
CG MSE B 199 16.05 -23.10 11.09
SE MSE B 199 14.87 -23.69 12.48
CE MSE B 199 13.81 -24.92 11.43
N PRO B 200 18.84 -21.41 9.03
CA PRO B 200 19.10 -19.98 8.87
C PRO B 200 17.96 -19.14 9.38
N PRO B 201 18.26 -17.93 9.83
CA PRO B 201 17.16 -17.08 10.32
C PRO B 201 16.35 -16.61 9.13
N SER B 202 15.10 -16.21 9.36
CA SER B 202 14.28 -15.75 8.25
C SER B 202 13.80 -14.32 8.44
N ILE B 203 13.09 -13.82 7.45
CA ILE B 203 12.52 -12.48 7.52
C ILE B 203 11.02 -12.71 7.39
N ASP B 204 10.24 -11.83 8.01
CA ASP B 204 8.79 -11.91 7.93
C ASP B 204 8.30 -10.83 6.97
N PRO B 205 7.88 -11.22 5.77
CA PRO B 205 7.40 -10.33 4.72
C PRO B 205 6.37 -9.31 5.17
N LEU B 206 5.72 -9.57 6.28
CA LEU B 206 4.68 -8.66 6.75
C LEU B 206 5.10 -7.77 7.90
N SER B 207 6.36 -7.86 8.28
CA SER B 207 6.81 -7.03 9.39
C SER B 207 7.10 -5.62 8.86
N GLU B 208 7.31 -4.66 9.75
CA GLU B 208 7.60 -3.28 9.41
C GLU B 208 8.80 -3.09 8.49
N LYS B 209 9.81 -3.90 8.70
CA LYS B 209 11.03 -3.80 7.91
C LYS B 209 10.78 -4.27 6.49
N ASN B 210 9.91 -5.26 6.34
CA ASN B 210 9.66 -5.87 5.05
C ASN B 210 8.37 -5.61 4.28
N VAL B 211 7.31 -5.23 4.97
CA VAL B 211 6.07 -5.01 4.23
C VAL B 211 6.29 -3.89 3.22
N GLU B 212 5.54 -3.95 2.12
CA GLU B 212 5.66 -2.97 1.07
C GLU B 212 4.84 -1.74 1.38
N LEU B 213 5.54 -0.64 1.58
CA LEU B 213 4.94 0.64 1.88
C LEU B 213 4.39 1.27 0.62
N LYS B 214 3.57 2.30 0.81
CA LYS B 214 2.98 3.04 -0.30
C LYS B 214 3.98 4.07 -0.81
N GLN B 215 3.99 4.29 -2.12
CA GLN B 215 4.89 5.26 -2.73
C GLN B 215 4.88 6.59 -1.98
N THR B 216 3.69 7.10 -1.69
CA THR B 216 3.55 8.37 -0.98
C THR B 216 4.35 8.36 0.32
N GLU B 217 4.21 7.27 1.07
CA GLU B 217 4.88 7.15 2.35
C GLU B 217 6.40 7.11 2.18
N ILE B 218 6.86 6.43 1.14
CA ILE B 218 8.29 6.35 0.92
C ILE B 218 8.83 7.74 0.63
N LEU B 219 8.15 8.46 -0.27
CA LEU B 219 8.59 9.79 -0.65
C LEU B 219 8.66 10.74 0.54
N ARG B 220 7.75 10.54 1.49
CA ARG B 220 7.71 11.37 2.69
C ARG B 220 9.01 11.14 3.49
N ILE B 221 9.27 9.87 3.77
CA ILE B 221 10.45 9.48 4.53
C ILE B 221 11.71 9.97 3.84
N LEU B 222 11.73 9.87 2.51
CA LEU B 222 12.89 10.29 1.73
C LEU B 222 13.17 11.78 1.88
N GLU B 223 12.11 12.58 1.80
CA GLU B 223 12.26 14.03 1.91
C GLU B 223 12.64 14.43 3.31
N ARG B 224 12.03 13.76 4.28
CA ARG B 224 12.33 14.02 5.68
C ARG B 224 13.80 13.77 6.00
N PHE B 225 14.53 13.08 5.12
CA PHE B 225 15.94 12.84 5.38
C PHE B 225 16.84 13.33 4.26
N ASP B 226 16.34 14.28 3.48
CA ASP B 226 17.11 14.88 2.40
C ASP B 226 17.69 13.83 1.46
N VAL B 227 16.83 12.95 0.97
CA VAL B 227 17.26 11.92 0.06
C VAL B 227 16.50 12.19 -1.23
N ASP B 228 17.23 12.37 -2.32
CA ASP B 228 16.61 12.66 -3.59
C ASP B 228 16.41 11.38 -4.40
N PRO B 229 15.15 11.01 -4.65
CA PRO B 229 14.77 9.81 -5.39
C PRO B 229 14.96 9.98 -6.90
N GLU B 230 15.23 11.21 -7.33
CA GLU B 230 15.42 11.46 -8.75
C GLU B 230 16.86 11.19 -9.13
N LYS B 231 17.75 11.20 -8.13
CA LYS B 231 19.14 10.93 -8.40
C LYS B 231 19.42 9.48 -7.97
N PRO B 232 20.49 8.88 -8.49
CA PRO B 232 20.84 7.49 -8.14
C PRO B 232 21.17 7.31 -6.66
N ILE B 233 20.82 6.13 -6.14
CA ILE B 233 21.05 5.81 -4.74
C ILE B 233 21.67 4.43 -4.50
N ILE B 234 22.78 4.40 -3.78
CA ILE B 234 23.43 3.14 -3.40
C ILE B 234 23.34 3.11 -1.87
N THR B 235 23.16 1.93 -1.31
CA THR B 235 22.97 1.82 0.10
C THR B 235 23.59 0.62 0.76
N GLN B 236 24.05 0.82 2.00
CA GLN B 236 24.55 -0.27 2.80
C GLN B 236 23.95 -0.07 4.19
N VAL B 237 23.10 -1.00 4.61
CA VAL B 237 22.55 -0.87 5.95
C VAL B 237 23.34 -1.88 6.73
N SER B 238 23.91 -1.43 7.83
CA SER B 238 24.75 -2.25 8.67
C SER B 238 25.08 -1.55 9.99
N ARG B 239 25.37 -2.34 11.01
CA ARG B 239 25.73 -1.77 12.30
C ARG B 239 27.08 -1.10 12.05
N PHE B 240 27.35 -0.01 12.75
CA PHE B 240 28.61 0.71 12.58
C PHE B 240 29.75 0.12 13.39
N ASP B 241 30.67 -0.53 12.70
CA ASP B 241 31.81 -1.13 13.35
C ASP B 241 32.90 -1.26 12.28
N PRO B 242 34.14 -1.49 12.72
CA PRO B 242 35.29 -1.62 11.82
C PRO B 242 35.37 -2.76 10.80
N TRP B 243 34.59 -3.81 10.97
CA TRP B 243 34.70 -4.93 10.05
C TRP B 243 33.48 -5.11 9.16
N LYS B 244 32.83 -3.99 8.85
CA LYS B 244 31.64 -4.00 8.04
C LYS B 244 31.83 -3.36 6.68
N GLY B 245 33.07 -3.00 6.35
CA GLY B 245 33.34 -2.39 5.05
C GLY B 245 32.79 -1.00 4.82
N ILE B 246 32.42 -0.31 5.90
CA ILE B 246 31.87 1.04 5.80
C ILE B 246 32.82 1.99 5.05
N PHE B 247 34.10 1.94 5.39
CA PHE B 247 35.05 2.81 4.73
C PHE B 247 35.26 2.39 3.27
N ASP B 248 35.05 1.12 2.97
CA ASP B 248 35.18 0.68 1.57
C ASP B 248 33.98 1.19 0.79
N VAL B 249 32.79 1.11 1.38
CA VAL B 249 31.60 1.60 0.71
C VAL B 249 31.77 3.07 0.37
N ILE B 250 32.32 3.82 1.31
CA ILE B 250 32.57 5.23 1.07
C ILE B 250 33.49 5.40 -0.14
N GLU B 251 34.56 4.60 -0.18
CA GLU B 251 35.50 4.67 -1.30
C GLU B 251 34.81 4.31 -2.61
N ILE B 252 33.92 3.33 -2.57
CA ILE B 252 33.18 2.90 -3.75
C ILE B 252 32.30 4.07 -4.22
N TYR B 253 31.64 4.71 -3.27
CA TYR B 253 30.77 5.84 -3.57
C TYR B 253 31.56 6.94 -4.28
N ARG B 254 32.71 7.28 -3.70
CA ARG B 254 33.55 8.34 -4.26
C ARG B 254 34.00 7.98 -5.67
N LYS B 255 34.47 6.75 -5.84
CA LYS B 255 34.91 6.25 -7.13
C LYS B 255 33.74 6.39 -8.10
N VAL B 256 32.64 5.71 -7.78
CA VAL B 256 31.46 5.75 -8.62
C VAL B 256 31.03 7.17 -8.90
N LYS B 257 31.13 8.03 -7.90
CA LYS B 257 30.72 9.42 -8.06
C LYS B 257 31.54 10.13 -9.11
N GLU B 258 32.74 9.63 -9.38
CA GLU B 258 33.59 10.26 -10.38
C GLU B 258 32.91 10.24 -11.74
N LYS B 259 32.00 9.30 -11.94
CA LYS B 259 31.32 9.20 -13.22
C LYS B 259 29.85 9.51 -13.12
N ILE B 260 29.28 9.30 -11.95
CA ILE B 260 27.86 9.57 -11.72
C ILE B 260 27.71 10.56 -10.57
N PRO B 261 28.02 11.84 -10.84
CA PRO B 261 27.98 13.01 -9.95
C PRO B 261 26.77 13.16 -9.01
N GLY B 262 25.63 12.62 -9.40
CA GLY B 262 24.45 12.75 -8.57
C GLY B 262 24.23 11.57 -7.64
N VAL B 263 25.07 10.56 -7.75
CA VAL B 263 24.94 9.38 -6.91
C VAL B 263 24.96 9.73 -5.42
N GLN B 264 24.00 9.16 -4.68
CA GLN B 264 23.91 9.38 -3.25
C GLN B 264 24.28 8.12 -2.50
N LEU B 265 24.85 8.26 -1.32
CA LEU B 265 25.23 7.11 -0.50
C LEU B 265 24.44 7.09 0.81
N LEU B 266 23.72 6.00 1.05
CA LEU B 266 22.98 5.87 2.28
C LEU B 266 23.67 4.86 3.17
N LEU B 267 24.21 5.34 4.29
CA LEU B 267 24.85 4.50 5.29
C LEU B 267 23.81 4.41 6.38
N VAL B 268 23.05 3.32 6.36
CA VAL B 268 21.98 3.12 7.32
C VAL B 268 22.42 2.16 8.40
N GLY B 269 22.02 2.44 9.64
CA GLY B 269 22.36 1.58 10.75
C GLY B 269 21.61 1.90 12.03
N VAL B 270 21.26 0.88 12.81
CA VAL B 270 20.59 1.06 14.08
C VAL B 270 21.40 0.28 15.11
N MSE B 271 21.65 0.90 16.26
CA MSE B 271 22.43 0.29 17.33
C MSE B 271 21.97 0.69 18.72
O MSE B 271 21.41 1.77 18.92
CB MSE B 271 23.90 0.64 17.15
CG MSE B 271 24.45 0.30 15.79
SE MSE B 271 25.98 1.36 15.40
CE MSE B 271 25.11 3.08 15.30
N ALA B 272 22.20 -0.20 19.68
CA ALA B 272 21.81 0.05 21.06
C ALA B 272 22.65 1.17 21.67
N HIS B 273 22.13 1.76 22.75
CA HIS B 273 22.86 2.83 23.43
C HIS B 273 24.15 2.19 23.93
N ASP B 274 24.01 1.01 24.53
CA ASP B 274 25.17 0.27 25.03
C ASP B 274 25.89 -0.39 23.86
N ASP B 275 26.70 0.41 23.18
CA ASP B 275 27.47 -0.05 22.03
C ASP B 275 28.50 1.04 21.76
N PRO B 276 29.29 1.38 22.78
CA PRO B 276 30.32 2.41 22.67
C PRO B 276 31.08 2.32 21.37
N GLU B 277 31.58 1.13 21.06
CA GLU B 277 32.34 0.93 19.83
C GLU B 277 31.55 1.39 18.64
N GLY B 278 30.29 0.97 18.58
CA GLY B 278 29.43 1.35 17.49
C GLY B 278 29.38 2.85 17.29
N TRP B 279 29.04 3.59 18.35
CA TRP B 279 28.96 5.04 18.25
C TRP B 279 30.33 5.65 17.98
N ILE B 280 31.39 5.00 18.46
CA ILE B 280 32.72 5.52 18.20
C ILE B 280 32.97 5.43 16.70
N TYR B 281 32.66 4.28 16.12
CA TYR B 281 32.88 4.10 14.68
C TYR B 281 32.02 5.03 13.84
N PHE B 282 30.83 5.29 14.36
CA PHE B 282 29.85 6.17 13.75
C PHE B 282 30.48 7.55 13.60
N GLU B 283 31.03 8.08 14.69
CA GLU B 283 31.68 9.39 14.66
C GLU B 283 32.86 9.44 13.69
N LYS B 284 33.69 8.39 13.71
CA LYS B 284 34.84 8.31 12.78
C LYS B 284 34.36 8.35 11.33
N THR B 285 33.18 7.79 11.08
CA THR B 285 32.62 7.77 9.74
C THR B 285 32.22 9.17 9.30
N LEU B 286 31.54 9.88 10.19
CA LEU B 286 31.14 11.22 9.86
C LEU B 286 32.38 12.09 9.62
N ARG B 287 33.42 11.89 10.43
CA ARG B 287 34.64 12.65 10.25
C ARG B 287 35.26 12.35 8.89
N LYS B 288 35.26 11.08 8.53
CA LYS B 288 35.82 10.62 7.26
C LYS B 288 35.04 11.16 6.07
N ILE B 289 33.72 11.22 6.22
CA ILE B 289 32.85 11.73 5.17
C ILE B 289 33.01 13.23 4.98
N GLY B 290 33.24 13.93 6.09
CA GLY B 290 33.40 15.37 6.01
C GLY B 290 32.11 16.03 5.57
N GLU B 291 32.21 17.16 4.88
CA GLU B 291 31.01 17.85 4.48
C GLU B 291 30.41 17.51 3.13
N ASP B 292 30.54 16.25 2.75
CA ASP B 292 29.95 15.77 1.52
C ASP B 292 28.55 15.36 1.97
N TYR B 293 27.57 16.20 1.71
CA TYR B 293 26.23 15.87 2.15
C TYR B 293 25.41 15.00 1.23
N ASP B 294 26.03 14.48 0.17
CA ASP B 294 25.33 13.57 -0.70
C ASP B 294 25.39 12.19 -0.04
N VAL B 295 26.17 12.10 1.02
CA VAL B 295 26.26 10.86 1.77
C VAL B 295 25.35 11.06 2.97
N LYS B 296 24.38 10.16 3.16
CA LYS B 296 23.47 10.28 4.28
C LYS B 296 23.82 9.23 5.32
N VAL B 297 23.93 9.65 6.56
CA VAL B 297 24.24 8.74 7.64
C VAL B 297 22.94 8.66 8.41
N LEU B 298 22.22 7.55 8.24
CA LEU B 298 20.94 7.35 8.89
C LEU B 298 20.97 6.32 10.02
N THR B 299 20.50 6.75 11.18
CA THR B 299 20.51 5.91 12.37
C THR B 299 19.38 6.28 13.32
N ASN B 300 19.09 5.39 14.26
CA ASN B 300 18.04 5.63 15.24
C ASN B 300 18.36 6.85 16.13
N LEU B 301 19.56 7.38 16.00
CA LEU B 301 19.96 8.56 16.75
C LEU B 301 19.09 9.72 16.28
N ILE B 302 18.76 9.70 15.00
CA ILE B 302 17.95 10.76 14.42
C ILE B 302 16.60 10.29 13.91
N GLY B 303 16.03 9.27 14.54
CA GLY B 303 14.71 8.82 14.12
C GLY B 303 14.56 7.73 13.08
N VAL B 304 15.65 7.15 12.62
CA VAL B 304 15.53 6.08 11.66
C VAL B 304 15.17 4.79 12.38
N HIS B 305 14.03 4.21 12.02
CA HIS B 305 13.58 2.96 12.60
C HIS B 305 13.22 1.98 11.48
N ALA B 306 12.65 0.83 11.85
CA ALA B 306 12.27 -0.19 10.88
C ALA B 306 11.53 0.31 9.65
N ARG B 307 10.52 1.15 9.85
CA ARG B 307 9.76 1.67 8.74
C ARG B 307 10.64 2.51 7.80
N GLU B 308 11.52 3.36 8.37
CA GLU B 308 12.41 4.17 7.55
C GLU B 308 13.50 3.32 6.87
N VAL B 309 13.98 2.30 7.57
CA VAL B 309 15.01 1.44 7.00
C VAL B 309 14.37 0.81 5.78
N ASN B 310 13.13 0.39 5.95
CA ASN B 310 12.34 -0.24 4.90
C ASN B 310 12.33 0.65 3.66
N ALA B 311 12.09 1.93 3.89
CA ALA B 311 12.05 2.91 2.81
C ALA B 311 13.39 3.09 2.12
N PHE B 312 14.42 3.38 2.90
CA PHE B 312 15.74 3.57 2.34
C PHE B 312 16.13 2.39 1.44
N GLN B 313 15.76 1.17 1.80
CA GLN B 313 16.10 0.03 0.97
C GLN B 313 15.28 0.06 -0.30
N ARG B 314 13.97 0.29 -0.17
CA ARG B 314 13.10 0.32 -1.36
C ARG B 314 13.53 1.37 -2.38
N ALA B 315 13.95 2.53 -1.91
CA ALA B 315 14.42 3.61 -2.79
C ALA B 315 15.83 3.38 -3.37
N SER B 316 16.55 2.39 -2.85
CA SER B 316 17.90 2.09 -3.34
C SER B 316 17.90 1.48 -4.74
N ASP B 317 18.89 1.85 -5.56
CA ASP B 317 19.01 1.29 -6.91
C ASP B 317 19.93 0.08 -6.82
N VAL B 318 20.92 0.18 -5.94
CA VAL B 318 21.88 -0.89 -5.71
C VAL B 318 22.19 -0.94 -4.23
N ILE B 319 22.38 -2.14 -3.70
CA ILE B 319 22.68 -2.29 -2.29
C ILE B 319 23.99 -3.05 -2.12
N LEU B 320 24.84 -2.54 -1.23
CA LEU B 320 26.15 -3.14 -0.96
C LEU B 320 26.25 -3.76 0.43
N GLN B 321 27.19 -4.68 0.58
CA GLN B 321 27.42 -5.38 1.85
C GLN B 321 28.87 -5.83 1.85
N MSE B 322 29.78 -4.91 2.13
CA MSE B 322 31.20 -5.20 2.12
C MSE B 322 31.77 -5.67 3.45
O MSE B 322 32.84 -5.25 3.86
CB MSE B 322 31.97 -3.98 1.65
CG MSE B 322 31.50 -3.44 0.32
SE MSE B 322 31.51 -4.78 -1.06
CE MSE B 322 33.42 -4.92 -1.35
N SER B 323 31.05 -6.56 4.12
CA SER B 323 31.49 -7.08 5.41
C SER B 323 32.78 -7.91 5.35
N ILE B 324 33.62 -7.77 6.36
CA ILE B 324 34.86 -8.52 6.46
C ILE B 324 34.54 -9.64 7.44
N ARG B 325 33.65 -9.33 8.37
CA ARG B 325 33.18 -10.26 9.38
C ARG B 325 31.66 -10.13 9.37
N GLU B 326 30.99 -11.19 8.95
CA GLU B 326 29.53 -11.18 8.88
C GLU B 326 28.92 -12.44 9.45
N GLY B 327 27.70 -12.30 9.98
CA GLY B 327 26.96 -13.43 10.50
C GLY B 327 26.10 -13.89 9.33
N PHE B 328 24.82 -14.21 9.56
CA PHE B 328 24.00 -14.66 8.44
C PHE B 328 23.68 -13.55 7.47
N GLY B 329 23.67 -12.31 7.98
CA GLY B 329 23.40 -11.16 7.16
C GLY B 329 21.96 -10.99 6.70
N LEU B 330 21.05 -10.75 7.64
CA LEU B 330 19.65 -10.58 7.28
C LEU B 330 19.43 -9.34 6.41
N THR B 331 20.33 -8.36 6.51
CA THR B 331 20.20 -7.16 5.70
C THR B 331 20.19 -7.49 4.21
N VAL B 332 20.99 -8.47 3.83
CA VAL B 332 21.06 -8.90 2.44
C VAL B 332 19.74 -9.55 2.10
N THR B 333 19.25 -10.34 3.04
CA THR B 333 17.99 -11.03 2.83
C THR B 333 16.85 -10.05 2.56
N GLU B 334 16.80 -8.98 3.35
CA GLU B 334 15.76 -7.98 3.22
C GLU B 334 15.87 -7.29 1.87
N ALA B 335 17.09 -6.93 1.50
CA ALA B 335 17.30 -6.25 0.23
C ALA B 335 16.88 -7.14 -0.93
N MSE B 336 17.19 -8.43 -0.80
CA MSE B 336 16.82 -9.38 -1.83
C MSE B 336 15.30 -9.47 -1.95
O MSE B 336 14.75 -9.55 -3.06
CB MSE B 336 17.43 -10.75 -1.52
CG MSE B 336 18.92 -10.81 -1.74
SE MSE B 336 19.70 -12.55 -1.36
CE MSE B 336 19.42 -13.41 -3.07
N TRP B 337 14.61 -9.44 -0.82
CA TRP B 337 13.16 -9.52 -0.81
C TRP B 337 12.53 -8.32 -1.50
N LYS B 338 13.26 -7.22 -1.52
CA LYS B 338 12.76 -6.01 -2.15
C LYS B 338 13.22 -5.91 -3.62
N GLY B 339 13.59 -7.05 -4.19
CA GLY B 339 14.01 -7.05 -5.58
C GLY B 339 15.24 -6.22 -5.88
N LYS B 340 16.19 -6.18 -4.94
CA LYS B 340 17.38 -5.39 -5.14
C LYS B 340 18.63 -6.22 -5.34
N PRO B 341 19.42 -5.92 -6.39
CA PRO B 341 20.65 -6.65 -6.66
C PRO B 341 21.63 -6.25 -5.57
N VAL B 342 22.28 -7.25 -4.95
CA VAL B 342 23.22 -6.96 -3.89
C VAL B 342 24.65 -7.26 -4.26
N ILE B 343 25.56 -6.37 -3.87
CA ILE B 343 26.98 -6.53 -4.14
C ILE B 343 27.69 -6.66 -2.80
N GLY B 344 28.36 -7.78 -2.57
CA GLY B 344 29.03 -7.96 -1.29
C GLY B 344 30.27 -8.83 -1.34
N ARG B 345 30.83 -9.09 -0.16
CA ARG B 345 32.02 -9.91 0.03
C ARG B 345 31.59 -11.32 0.41
N ALA B 346 32.30 -12.31 -0.11
CA ALA B 346 31.94 -13.69 0.19
C ALA B 346 32.22 -14.14 1.62
N VAL B 347 31.42 -13.67 2.58
CA VAL B 347 31.62 -14.10 3.96
C VAL B 347 30.29 -14.41 4.68
N GLY B 348 30.37 -15.15 5.78
CA GLY B 348 29.18 -15.50 6.54
C GLY B 348 28.00 -15.85 5.66
N GLY B 349 26.84 -15.33 6.00
CA GLY B 349 25.64 -15.60 5.22
C GLY B 349 25.58 -14.89 3.88
N ILE B 350 26.50 -13.98 3.62
CA ILE B 350 26.48 -13.25 2.36
C ILE B 350 26.87 -14.15 1.19
N LYS B 351 27.76 -15.10 1.46
CA LYS B 351 28.22 -16.02 0.43
C LYS B 351 27.16 -17.09 0.18
N PHE B 352 26.44 -17.44 1.24
CA PHE B 352 25.40 -18.46 1.11
C PHE B 352 24.20 -17.90 0.37
N GLN B 353 23.72 -16.74 0.81
CA GLN B 353 22.55 -16.12 0.22
C GLN B 353 22.66 -15.68 -1.22
N ILE B 354 23.78 -15.05 -1.56
CA ILE B 354 23.94 -14.53 -2.91
C ILE B 354 24.47 -15.57 -3.90
N VAL B 355 23.80 -15.64 -5.04
CA VAL B 355 24.23 -16.54 -6.09
C VAL B 355 24.86 -15.63 -7.12
N ASP B 356 26.19 -15.62 -7.11
CA ASP B 356 26.98 -14.76 -7.98
C ASP B 356 26.51 -14.70 -9.43
N GLY B 357 26.27 -13.49 -9.91
CA GLY B 357 25.83 -13.30 -11.28
C GLY B 357 24.38 -13.68 -11.48
N GLU B 358 23.80 -14.33 -10.47
CA GLU B 358 22.42 -14.77 -10.53
C GLU B 358 21.51 -13.75 -9.85
N THR B 359 21.62 -13.66 -8.53
CA THR B 359 20.83 -12.76 -7.72
C THR B 359 21.56 -11.45 -7.45
N GLY B 360 22.88 -11.54 -7.39
CA GLY B 360 23.69 -10.37 -7.15
C GLY B 360 25.12 -10.74 -7.42
N PHE B 361 26.05 -9.93 -6.94
CA PHE B 361 27.46 -10.22 -7.14
C PHE B 361 28.26 -10.33 -5.86
N LEU B 362 29.30 -11.14 -5.94
CA LEU B 362 30.24 -11.34 -4.86
C LEU B 362 31.56 -10.80 -5.38
N VAL B 363 32.20 -9.92 -4.62
CA VAL B 363 33.47 -9.36 -5.06
C VAL B 363 34.52 -9.52 -3.96
N ARG B 364 35.79 -9.29 -4.30
CA ARG B 364 36.87 -9.41 -3.31
C ARG B 364 37.43 -8.07 -2.88
N ASP B 365 37.23 -7.04 -3.69
CA ASP B 365 37.74 -5.71 -3.37
C ASP B 365 36.75 -4.61 -3.74
N ALA B 366 37.16 -3.37 -3.53
CA ALA B 366 36.33 -2.21 -3.83
C ALA B 366 36.20 -1.95 -5.31
N ASN B 367 37.30 -2.10 -6.04
CA ASN B 367 37.28 -1.86 -7.48
C ASN B 367 36.28 -2.76 -8.21
N GLU B 368 36.27 -4.04 -7.87
CA GLU B 368 35.33 -4.94 -8.52
C GLU B 368 33.96 -4.37 -8.20
N ALA B 369 33.77 -4.00 -6.93
CA ALA B 369 32.51 -3.45 -6.48
C ALA B 369 32.14 -2.25 -7.30
N VAL B 370 33.11 -1.40 -7.61
CA VAL B 370 32.78 -0.22 -8.40
C VAL B 370 32.32 -0.60 -9.81
N GLU B 371 32.99 -1.59 -10.40
CA GLU B 371 32.62 -2.03 -11.75
C GLU B 371 31.15 -2.46 -11.80
N VAL B 372 30.78 -3.34 -10.88
CA VAL B 372 29.42 -3.86 -10.81
C VAL B 372 28.37 -2.78 -10.55
N VAL B 373 28.66 -1.83 -9.66
CA VAL B 373 27.69 -0.79 -9.39
C VAL B 373 27.48 -0.01 -10.67
N LEU B 374 28.58 0.30 -11.35
CA LEU B 374 28.51 1.04 -12.60
C LEU B 374 27.69 0.20 -13.59
N TYR B 375 28.03 -1.08 -13.65
CA TYR B 375 27.31 -1.97 -14.55
C TYR B 375 25.81 -1.92 -14.25
N LEU B 376 25.46 -2.26 -13.00
CA LEU B 376 24.07 -2.26 -12.60
C LEU B 376 23.37 -0.94 -12.81
N LEU B 377 24.03 0.18 -12.54
CA LEU B 377 23.39 1.47 -12.72
C LEU B 377 23.05 1.75 -14.17
N LYS B 378 23.89 1.31 -15.09
CA LYS B 378 23.59 1.57 -16.49
C LYS B 378 22.74 0.48 -17.15
N HIS B 379 22.70 -0.71 -16.55
CA HIS B 379 21.91 -1.81 -17.11
C HIS B 379 20.72 -2.22 -16.23
N PRO B 380 19.83 -1.26 -15.93
CA PRO B 380 18.63 -1.43 -15.09
C PRO B 380 17.81 -2.67 -15.35
N GLU B 381 17.80 -3.12 -16.60
CA GLU B 381 17.07 -4.31 -16.99
C GLU B 381 17.67 -5.52 -16.26
N VAL B 382 19.00 -5.62 -16.28
CA VAL B 382 19.66 -6.72 -15.62
C VAL B 382 19.42 -6.60 -14.12
N SER B 383 19.43 -5.38 -13.60
CA SER B 383 19.20 -5.18 -12.17
C SER B 383 17.79 -5.68 -11.86
N LYS B 384 16.81 -5.19 -12.62
CA LYS B 384 15.45 -5.62 -12.41
C LYS B 384 15.46 -7.15 -12.47
N GLU B 385 16.23 -7.68 -13.42
CA GLU B 385 16.35 -9.11 -13.60
C GLU B 385 16.87 -9.82 -12.35
N MSE B 386 18.10 -9.50 -11.95
CA MSE B 386 18.71 -10.11 -10.78
C MSE B 386 17.84 -9.95 -9.53
O MSE B 386 17.73 -10.87 -8.72
CB MSE B 386 20.07 -9.48 -10.51
CG MSE B 386 21.04 -9.69 -11.64
SE MSE B 386 22.81 -9.10 -11.23
CE MSE B 386 23.45 -10.65 -10.28
N GLY B 387 17.24 -8.78 -9.40
CA GLY B 387 16.39 -8.50 -8.25
C GLY B 387 15.18 -9.40 -8.13
N ALA B 388 14.48 -9.63 -9.23
CA ALA B 388 13.30 -10.47 -9.24
C ALA B 388 13.66 -11.92 -8.87
N LYS B 389 14.82 -12.35 -9.35
CA LYS B 389 15.30 -13.70 -9.05
C LYS B 389 15.72 -13.79 -7.59
N ALA B 390 16.44 -12.77 -7.12
CA ALA B 390 16.87 -12.75 -5.74
C ALA B 390 15.63 -12.79 -4.85
N LYS B 391 14.54 -12.19 -5.33
CA LYS B 391 13.32 -12.19 -4.54
C LYS B 391 12.72 -13.58 -4.47
N GLU B 392 12.76 -14.31 -5.58
CA GLU B 392 12.22 -15.66 -5.61
C GLU B 392 13.07 -16.59 -4.75
N ARG B 393 14.37 -16.32 -4.71
CA ARG B 393 15.28 -17.13 -3.91
C ARG B 393 14.92 -16.99 -2.44
N VAL B 394 14.46 -15.82 -2.03
CA VAL B 394 14.07 -15.58 -0.64
C VAL B 394 12.69 -16.16 -0.38
N ARG B 395 11.83 -16.08 -1.38
CA ARG B 395 10.47 -16.60 -1.27
C ARG B 395 10.54 -18.10 -1.05
N LYS B 396 11.39 -18.76 -1.85
CA LYS B 396 11.54 -20.21 -1.76
C LYS B 396 12.49 -20.66 -0.67
N ASN B 397 13.27 -19.74 -0.12
CA ASN B 397 14.25 -20.15 0.88
C ASN B 397 14.30 -19.51 2.24
N PHE B 398 14.02 -18.21 2.35
CA PHE B 398 14.16 -17.54 3.65
C PHE B 398 13.04 -16.75 4.29
N ILE B 399 11.78 -17.06 3.99
CA ILE B 399 10.69 -16.32 4.62
C ILE B 399 10.21 -17.07 5.85
N ILE B 400 9.61 -16.34 6.77
CA ILE B 400 9.14 -16.94 8.02
C ILE B 400 8.28 -18.19 7.86
N THR B 401 7.59 -18.32 6.73
CA THR B 401 6.74 -19.48 6.54
C THR B 401 7.57 -20.69 6.21
N LYS B 402 8.62 -20.52 5.42
CA LYS B 402 9.50 -21.64 5.10
C LYS B 402 10.27 -21.97 6.37
N HIS B 403 10.53 -20.94 7.18
CA HIS B 403 11.24 -21.11 8.44
C HIS B 403 10.39 -21.98 9.33
N MSE B 404 9.09 -21.69 9.35
CA MSE B 404 8.17 -22.47 10.16
C MSE B 404 8.15 -23.89 9.62
O MSE B 404 8.32 -24.84 10.36
CB MSE B 404 6.78 -21.88 10.10
CG MSE B 404 5.77 -22.71 10.84
SE MSE B 404 4.10 -21.82 10.84
CE MSE B 404 4.35 -20.76 12.42
N GLU B 405 7.93 -24.02 8.32
CA GLU B 405 7.91 -25.35 7.73
C GLU B 405 9.12 -26.18 8.16
N ARG B 406 10.31 -25.58 8.14
CA ARG B 406 11.52 -26.29 8.52
C ARG B 406 11.46 -26.76 9.97
N TYR B 407 10.70 -26.06 10.80
CA TYR B 407 10.56 -26.44 12.20
C TYR B 407 9.68 -27.68 12.27
N LEU B 408 8.56 -27.65 11.55
CA LEU B 408 7.64 -28.77 11.52
C LEU B 408 8.46 -30.04 11.34
N ASP B 409 9.14 -30.13 10.18
CA ASP B 409 9.99 -31.29 9.87
C ASP B 409 10.72 -31.70 11.13
N ILE B 410 11.67 -30.84 11.51
CA ILE B 410 12.48 -31.04 12.69
C ILE B 410 11.77 -31.72 13.84
N LEU B 411 10.52 -31.34 14.11
CA LEU B 411 9.78 -31.97 15.20
C LEU B 411 9.43 -33.40 14.79
N ASN B 412 10.45 -34.08 14.26
CA ASN B 412 10.38 -35.46 13.79
C ASN B 412 10.62 -36.38 14.99
#